data_5MGT
#
_entry.id   5MGT
#
_cell.length_a   44.580
_cell.length_b   80.150
_cell.length_c   272.950
_cell.angle_alpha   90.00
_cell.angle_beta   90.00
_cell.angle_gamma   90.00
#
_symmetry.space_group_name_H-M   'P 21 21 21'
#
loop_
_entity.id
_entity.type
_entity.pdbx_description
1 polymer 'C-type lectin domain family 2 member D'
2 polymer 'Killer cell lectin-like receptor subfamily B member 1'
3 non-polymer 2-acetamido-2-deoxy-beta-D-glucopyranose
4 non-polymer 'SULFATE ION'
5 non-polymer 'CHLORIDE ION'
6 water water
#
loop_
_entity_poly.entity_id
_entity_poly.type
_entity_poly.pdbx_seq_one_letter_code
_entity_poly.pdbx_strand_id
1 'polypeptide(L)'
;ITGQAACPESWIGFQRKCFYFSDDTKNWTSSQRFCDSQDADLAQVESFQELNFLLRYKGPSDHWIGLSREQGQPWKWING
TEWTRQFPILGAGECAYLNDKGASSARCYTERKWICSKSDIHVGTKHHHHHHHHG
;
A,B
2 'polypeptide(L)'
;ETGGLLNCPIYWQQLREKCLLFSHTVNPWNNSLADCSTKESSLLLIRDKDELIHTQNLIRDKAILFWIGLNFSLSEKNWK
WINGSFLNSNDLEIRGDAKENSCISISQTSVYSEYCSTEIRWICQKELTPVRNKVYPDSKHHHHHH
;
C,D,E,F
#
# COMPACT_ATOMS: atom_id res chain seq x y z
N ALA A 5 -51.63 -17.21 -2.14
CA ALA A 5 -50.63 -16.22 -2.66
C ALA A 5 -51.20 -15.45 -3.84
N ALA A 6 -50.84 -14.17 -4.00
CA ALA A 6 -51.31 -13.33 -5.12
C ALA A 6 -51.11 -13.93 -6.55
N CYS A 7 -50.02 -14.66 -6.71
CA CYS A 7 -49.63 -15.18 -7.98
C CYS A 7 -49.36 -16.65 -7.85
N PRO A 8 -49.45 -17.41 -8.96
CA PRO A 8 -49.00 -18.80 -8.89
C PRO A 8 -47.51 -18.99 -8.62
N GLU A 9 -47.16 -20.20 -8.19
CA GLU A 9 -45.79 -20.61 -7.97
C GLU A 9 -44.97 -20.34 -9.25
N SER A 10 -43.81 -19.76 -9.08
CA SER A 10 -42.91 -19.43 -10.21
C SER A 10 -43.25 -18.09 -10.89
N TRP A 11 -44.30 -17.40 -10.46
CA TRP A 11 -44.61 -16.12 -11.04
C TRP A 11 -44.26 -15.02 -10.02
N ILE A 12 -43.88 -13.86 -10.52
CA ILE A 12 -43.48 -12.73 -9.72
C ILE A 12 -44.56 -11.69 -9.73
N GLY A 13 -44.82 -11.09 -8.57
CA GLY A 13 -45.80 -10.03 -8.46
C GLY A 13 -45.31 -8.64 -8.62
N PHE A 14 -45.99 -7.82 -9.45
CA PHE A 14 -45.65 -6.43 -9.55
C PHE A 14 -46.88 -5.59 -9.96
N GLN A 15 -47.15 -4.50 -9.24
CA GLN A 15 -48.31 -3.62 -9.60
C GLN A 15 -49.59 -4.35 -9.97
N ARG A 16 -50.00 -5.26 -9.12
CA ARG A 16 -51.27 -6.00 -9.36
C ARG A 16 -51.26 -6.96 -10.58
N LYS A 17 -50.09 -7.30 -11.13
CA LYS A 17 -49.99 -8.35 -12.15
C LYS A 17 -49.02 -9.45 -11.67
N CYS A 18 -49.05 -10.60 -12.32
CA CYS A 18 -48.19 -11.74 -12.08
C CYS A 18 -47.43 -11.97 -13.36
N PHE A 19 -46.10 -12.11 -13.24
CA PHE A 19 -45.22 -12.25 -14.36
C PHE A 19 -44.50 -13.60 -14.37
N TYR A 20 -44.45 -14.25 -15.55
CA TYR A 20 -43.71 -15.52 -15.76
C TYR A 20 -42.54 -15.31 -16.66
N PHE A 21 -41.37 -15.71 -16.25
CA PHE A 21 -40.14 -15.55 -17.07
C PHE A 21 -39.65 -16.94 -17.48
N SER A 22 -39.61 -17.20 -18.78
CA SER A 22 -39.42 -18.59 -19.26
C SER A 22 -37.96 -19.01 -19.07
N ASP A 23 -37.75 -20.33 -19.06
CA ASP A 23 -36.43 -20.93 -19.13
C ASP A 23 -36.04 -21.38 -20.52
N ASP A 24 -36.99 -21.77 -21.34
CA ASP A 24 -36.76 -22.23 -22.70
C ASP A 24 -37.02 -21.09 -23.70
N THR A 25 -36.83 -21.38 -24.98
CA THR A 25 -37.07 -20.40 -26.05
C THR A 25 -38.13 -20.94 -27.01
N LYS A 26 -38.84 -20.01 -27.63
CA LYS A 26 -39.90 -20.21 -28.59
C LYS A 26 -39.88 -19.00 -29.53
N ASN A 27 -40.47 -19.20 -30.72
CA ASN A 27 -40.84 -18.06 -31.55
C ASN A 27 -41.98 -17.26 -30.90
N TRP A 28 -42.27 -16.11 -31.46
CA TRP A 28 -43.16 -15.15 -30.78
C TRP A 28 -44.57 -15.66 -30.69
N THR A 29 -45.10 -16.27 -31.77
CA THR A 29 -46.48 -16.78 -31.73
C THR A 29 -46.58 -17.99 -30.82
N SER A 30 -45.56 -18.83 -30.80
CA SER A 30 -45.63 -19.96 -29.96
C SER A 30 -45.52 -19.52 -28.47
N SER A 31 -44.75 -18.46 -28.21
CA SER A 31 -44.67 -17.88 -26.82
C SER A 31 -46.04 -17.41 -26.38
N GLN A 32 -46.75 -16.69 -27.27
CA GLN A 32 -48.09 -16.16 -26.94
C GLN A 32 -49.07 -17.30 -26.64
N ARG A 33 -48.96 -18.40 -27.44
CA ARG A 33 -49.77 -19.63 -27.21
C ARG A 33 -49.53 -20.23 -25.84
N PHE A 34 -48.28 -20.27 -25.45
CA PHE A 34 -47.97 -20.67 -24.07
C PHE A 34 -48.62 -19.73 -23.03
N CYS A 35 -48.47 -18.41 -23.19
CA CYS A 35 -49.10 -17.51 -22.22
C CYS A 35 -50.62 -17.77 -22.18
N ASP A 36 -51.23 -17.85 -23.36
CA ASP A 36 -52.67 -18.09 -23.46
C ASP A 36 -53.10 -19.37 -22.70
N SER A 37 -52.28 -20.42 -22.75
CA SER A 37 -52.56 -21.63 -22.06
C SER A 37 -52.50 -21.48 -20.56
N GLN A 38 -51.86 -20.41 -20.07
CA GLN A 38 -51.82 -20.12 -18.64
C GLN A 38 -52.73 -18.96 -18.28
N ASP A 39 -53.72 -18.65 -19.12
CA ASP A 39 -54.64 -17.55 -18.92
C ASP A 39 -53.96 -16.20 -18.82
N ALA A 40 -52.95 -16.05 -19.68
CA ALA A 40 -52.13 -14.89 -19.69
C ALA A 40 -51.84 -14.47 -21.13
N ASP A 41 -51.07 -13.39 -21.26
CA ASP A 41 -50.59 -12.94 -22.53
C ASP A 41 -49.13 -12.60 -22.41
N LEU A 42 -48.47 -12.52 -23.55
CA LEU A 42 -47.11 -11.95 -23.58
C LEU A 42 -47.16 -10.57 -22.93
N ALA A 43 -46.16 -10.25 -22.09
CA ALA A 43 -46.24 -9.05 -21.25
C ALA A 43 -46.49 -7.77 -22.07
N GLN A 44 -47.46 -6.97 -21.63
CA GLN A 44 -47.79 -5.75 -22.37
C GLN A 44 -46.76 -4.57 -22.22
N VAL A 45 -46.06 -4.50 -21.16
CA VAL A 45 -45.20 -3.42 -20.91
C VAL A 45 -45.84 -2.03 -21.19
N GLU A 46 -46.79 -1.68 -20.36
CA GLU A 46 -47.50 -0.39 -20.49
C GLU A 46 -46.78 0.86 -19.93
N SER A 47 -45.87 0.68 -18.99
CA SER A 47 -45.22 1.83 -18.34
C SER A 47 -43.73 1.62 -18.33
N PHE A 48 -43.03 2.72 -18.17
CA PHE A 48 -41.62 2.75 -17.94
C PHE A 48 -41.23 1.99 -16.65
N GLN A 49 -42.07 2.03 -15.62
CA GLN A 49 -41.82 1.35 -14.39
CA GLN A 49 -41.80 1.31 -14.36
C GLN A 49 -41.83 -0.20 -14.64
N GLU A 50 -42.79 -0.64 -15.45
CA GLU A 50 -42.91 -2.05 -15.79
C GLU A 50 -41.71 -2.50 -16.62
N LEU A 51 -41.30 -1.67 -17.57
CA LEU A 51 -40.11 -1.90 -18.34
C LEU A 51 -38.89 -2.14 -17.44
N ASN A 52 -38.67 -1.24 -16.49
CA ASN A 52 -37.52 -1.39 -15.62
C ASN A 52 -37.56 -2.65 -14.74
N PHE A 53 -38.76 -2.99 -14.27
CA PHE A 53 -38.95 -4.18 -13.45
C PHE A 53 -38.55 -5.41 -14.26
N LEU A 54 -39.06 -5.47 -15.50
CA LEU A 54 -38.78 -6.61 -16.34
C LEU A 54 -37.31 -6.75 -16.68
N LEU A 55 -36.66 -5.64 -17.04
CA LEU A 55 -35.22 -5.68 -17.26
C LEU A 55 -34.41 -6.13 -16.06
N ARG A 56 -34.87 -5.84 -14.86
CA ARG A 56 -34.12 -6.21 -13.68
C ARG A 56 -34.23 -7.63 -13.35
N TYR A 57 -35.40 -8.22 -13.60
CA TYR A 57 -35.53 -9.64 -13.28
C TYR A 57 -35.21 -10.63 -14.39
N LYS A 58 -35.28 -10.20 -15.65
CA LYS A 58 -35.30 -11.19 -16.71
C LYS A 58 -34.02 -12.01 -16.85
N GLY A 59 -32.90 -11.43 -16.49
CA GLY A 59 -31.61 -12.08 -16.74
C GLY A 59 -30.96 -11.63 -18.08
N PRO A 60 -29.81 -12.25 -18.45
CA PRO A 60 -29.03 -11.74 -19.61
C PRO A 60 -29.58 -12.07 -21.00
N SER A 61 -30.53 -12.97 -21.17
CA SER A 61 -31.03 -13.34 -22.51
C SER A 61 -32.19 -12.47 -22.99
N ASP A 62 -32.36 -12.37 -24.33
CA ASP A 62 -33.47 -11.68 -24.95
C ASP A 62 -34.80 -12.32 -24.56
N HIS A 63 -35.82 -11.50 -24.28
CA HIS A 63 -37.17 -12.05 -23.94
C HIS A 63 -38.20 -11.33 -24.78
N TRP A 64 -39.03 -12.11 -25.51
CA TRP A 64 -40.17 -11.56 -26.21
C TRP A 64 -41.16 -10.93 -25.24
N ILE A 65 -41.80 -9.85 -25.70
CA ILE A 65 -42.92 -9.21 -25.06
C ILE A 65 -44.05 -9.04 -26.05
N GLY A 66 -45.19 -8.62 -25.53
CA GLY A 66 -46.46 -8.66 -26.28
C GLY A 66 -46.76 -7.42 -27.14
N LEU A 67 -45.82 -7.06 -27.98
CA LEU A 67 -45.98 -5.98 -28.95
C LEU A 67 -45.56 -6.46 -30.29
N SER A 68 -46.36 -6.14 -31.33
CA SER A 68 -45.98 -6.50 -32.67
C SER A 68 -46.51 -5.46 -33.64
N ARG A 69 -45.92 -5.39 -34.82
CA ARG A 69 -46.38 -4.45 -35.88
C ARG A 69 -46.37 -5.06 -37.29
N GLU A 70 -47.36 -4.71 -38.11
CA GLU A 70 -47.29 -4.99 -39.57
C GLU A 70 -46.38 -3.98 -40.27
N GLN A 71 -45.99 -4.28 -41.52
CA GLN A 71 -45.20 -3.34 -42.37
C GLN A 71 -45.56 -1.84 -42.25
N GLY A 72 -44.61 -1.04 -41.73
CA GLY A 72 -44.76 0.42 -41.56
C GLY A 72 -45.95 0.96 -40.79
N GLN A 73 -46.52 0.12 -39.90
CA GLN A 73 -47.81 0.37 -39.21
C GLN A 73 -47.50 0.46 -37.72
N PRO A 74 -48.41 1.02 -36.90
CA PRO A 74 -48.04 1.21 -35.50
C PRO A 74 -47.97 -0.10 -34.70
N TRP A 75 -47.17 -0.05 -33.64
CA TRP A 75 -47.10 -1.14 -32.69
C TRP A 75 -48.43 -1.33 -32.01
N LYS A 76 -48.79 -2.60 -31.80
CA LYS A 76 -50.00 -3.05 -31.15
C LYS A 76 -49.79 -4.12 -30.12
N TRP A 77 -50.53 -3.99 -29.02
CA TRP A 77 -50.59 -5.03 -27.98
C TRP A 77 -51.40 -6.21 -28.47
N ILE A 78 -51.24 -7.31 -27.77
CA ILE A 78 -51.87 -8.59 -28.15
C ILE A 78 -53.34 -8.33 -28.26
N ASN A 79 -53.89 -7.64 -27.27
CA ASN A 79 -55.32 -7.31 -27.28
C ASN A 79 -55.79 -6.43 -28.43
N GLY A 80 -54.92 -5.99 -29.34
CA GLY A 80 -55.33 -5.14 -30.48
C GLY A 80 -55.26 -3.60 -30.30
N THR A 81 -55.14 -3.11 -29.09
CA THR A 81 -54.99 -1.65 -28.88
C THR A 81 -53.61 -1.13 -29.35
N GLU A 82 -53.59 0.06 -29.92
CA GLU A 82 -52.33 0.73 -30.29
C GLU A 82 -51.49 1.06 -29.03
N TRP A 83 -50.20 0.75 -29.09
CA TRP A 83 -49.19 0.98 -28.02
C TRP A 83 -49.13 2.47 -27.67
N THR A 84 -48.92 2.76 -26.39
CA THR A 84 -48.84 4.13 -25.88
C THR A 84 -47.42 4.74 -25.91
N ARG A 85 -46.44 4.07 -26.52
CA ARG A 85 -45.16 4.68 -26.84
C ARG A 85 -44.41 5.22 -25.61
N GLN A 86 -44.34 4.41 -24.58
CA GLN A 86 -43.77 4.83 -23.34
C GLN A 86 -42.25 4.65 -23.21
N PHE A 87 -41.62 4.07 -24.23
CA PHE A 87 -40.15 3.84 -24.26
C PHE A 87 -39.76 3.60 -25.68
N PRO A 88 -38.50 3.84 -26.06
CA PRO A 88 -38.03 3.47 -27.41
C PRO A 88 -38.03 1.97 -27.69
N ILE A 89 -38.30 1.60 -28.93
CA ILE A 89 -38.08 0.20 -29.42
C ILE A 89 -37.16 0.32 -30.59
N LEU A 90 -35.97 -0.24 -30.47
CA LEU A 90 -35.01 -0.23 -31.57
C LEU A 90 -35.33 -1.25 -32.68
N GLY A 91 -34.68 -1.04 -33.79
CA GLY A 91 -34.65 -1.98 -34.92
C GLY A 91 -35.85 -1.96 -35.85
N ALA A 92 -35.82 -2.90 -36.81
CA ALA A 92 -36.77 -2.86 -37.91
C ALA A 92 -37.66 -4.10 -37.94
N GLY A 93 -37.67 -4.88 -36.86
CA GLY A 93 -38.42 -6.15 -36.84
C GLY A 93 -39.90 -5.95 -36.55
N GLU A 94 -40.67 -7.00 -36.76
CA GLU A 94 -42.08 -6.95 -36.52
C GLU A 94 -42.51 -7.34 -35.08
N CYS A 95 -41.62 -7.99 -34.32
CA CYS A 95 -41.99 -8.45 -32.93
C CYS A 95 -41.00 -7.85 -31.96
N ALA A 96 -41.50 -7.36 -30.83
CA ALA A 96 -40.67 -6.70 -29.83
C ALA A 96 -40.12 -7.69 -28.82
N TYR A 97 -38.89 -7.43 -28.38
CA TYR A 97 -38.25 -8.15 -27.26
C TYR A 97 -37.47 -7.19 -26.38
N LEU A 98 -37.14 -7.64 -25.15
CA LEU A 98 -36.23 -6.89 -24.30
C LEU A 98 -34.83 -7.47 -24.36
N ASN A 99 -33.86 -6.59 -24.55
CA ASN A 99 -32.46 -6.89 -24.45
C ASN A 99 -31.97 -6.46 -23.07
N ASP A 100 -30.67 -6.29 -22.83
CA ASP A 100 -30.25 -5.92 -21.50
C ASP A 100 -30.51 -4.48 -21.12
N LYS A 101 -30.84 -3.58 -22.05
CA LYS A 101 -31.01 -2.18 -21.66
C LYS A 101 -32.35 -1.61 -21.98
N GLY A 102 -33.15 -2.27 -22.84
CA GLY A 102 -34.40 -1.68 -23.24
C GLY A 102 -35.14 -2.61 -24.21
N ALA A 103 -35.93 -2.05 -25.09
CA ALA A 103 -36.69 -2.85 -26.07
C ALA A 103 -36.07 -2.78 -27.45
N SER A 104 -36.11 -3.91 -28.17
CA SER A 104 -35.71 -3.97 -29.58
C SER A 104 -36.70 -4.82 -30.36
N SER A 105 -36.35 -5.15 -31.58
CA SER A 105 -37.33 -5.79 -32.48
C SER A 105 -36.63 -6.80 -33.34
N ALA A 106 -37.32 -7.86 -33.74
CA ALA A 106 -36.69 -8.89 -34.56
C ALA A 106 -37.77 -9.60 -35.37
N ARG A 107 -37.34 -10.54 -36.21
CA ARG A 107 -38.29 -11.34 -36.96
C ARG A 107 -39.00 -12.29 -36.02
N CYS A 108 -40.30 -12.42 -36.24
CA CYS A 108 -41.19 -13.13 -35.35
C CYS A 108 -40.87 -14.61 -35.22
N TYR A 109 -40.31 -15.22 -36.28
CA TYR A 109 -40.00 -16.66 -36.28
C TYR A 109 -38.74 -17.00 -35.45
N THR A 110 -37.95 -16.01 -35.05
CA THR A 110 -36.74 -16.31 -34.29
C THR A 110 -37.11 -16.76 -32.87
N GLU A 111 -36.24 -17.54 -32.30
CA GLU A 111 -36.39 -18.13 -30.99
C GLU A 111 -35.79 -17.27 -29.84
N ARG A 112 -36.57 -17.02 -28.80
CA ARG A 112 -36.13 -16.25 -27.64
C ARG A 112 -36.87 -16.76 -26.41
N LYS A 113 -36.32 -16.45 -25.23
CA LYS A 113 -37.14 -16.52 -23.99
C LYS A 113 -38.33 -15.57 -24.08
N TRP A 114 -39.33 -15.73 -23.20
CA TRP A 114 -40.52 -14.92 -23.25
C TRP A 114 -40.96 -14.57 -21.84
N ILE A 115 -41.80 -13.54 -21.74
CA ILE A 115 -42.39 -13.15 -20.47
C ILE A 115 -43.92 -13.13 -20.64
N CYS A 116 -44.65 -13.84 -19.77
CA CYS A 116 -46.08 -13.70 -19.73
C CYS A 116 -46.52 -12.80 -18.59
N SER A 117 -47.67 -12.15 -18.75
CA SER A 117 -48.33 -11.51 -17.59
C SER A 117 -49.84 -11.69 -17.52
N LYS A 118 -50.37 -11.60 -16.32
CA LYS A 118 -51.84 -11.68 -16.12
C LYS A 118 -52.19 -10.91 -14.82
N SER A 119 -53.46 -10.56 -14.62
CA SER A 119 -53.87 -9.94 -13.32
C SER A 119 -53.67 -10.90 -12.20
N ASP A 120 -53.48 -10.38 -10.97
CA ASP A 120 -53.30 -11.23 -9.82
C ASP A 120 -54.64 -11.71 -9.19
N ALA B 6 -52.42 -6.38 -1.70
CA ALA B 6 -51.43 -7.45 -2.10
C ALA B 6 -50.03 -7.08 -1.53
N CYS B 7 -49.20 -6.44 -2.34
CA CYS B 7 -48.00 -5.80 -1.88
C CYS B 7 -48.25 -4.34 -2.07
N PRO B 8 -47.61 -3.47 -1.27
CA PRO B 8 -47.66 -2.03 -1.51
C PRO B 8 -47.02 -1.63 -2.83
N GLU B 9 -47.40 -0.44 -3.32
CA GLU B 9 -46.94 0.07 -4.61
C GLU B 9 -45.45 0.01 -4.79
N SER B 10 -45.04 -0.59 -5.90
CA SER B 10 -43.65 -0.70 -6.29
C SER B 10 -42.93 -1.88 -5.59
N TRP B 11 -43.54 -2.51 -4.56
CA TRP B 11 -42.83 -3.63 -3.88
C TRP B 11 -43.03 -4.86 -4.76
N ILE B 12 -42.08 -5.78 -4.73
CA ILE B 12 -42.10 -6.89 -5.59
C ILE B 12 -42.63 -8.10 -4.80
N GLY B 13 -43.58 -8.84 -5.37
CA GLY B 13 -44.13 -10.03 -4.74
C GLY B 13 -43.47 -11.33 -5.12
N PHE B 14 -43.08 -12.10 -4.11
CA PHE B 14 -42.55 -13.43 -4.29
C PHE B 14 -43.07 -14.34 -3.17
N GLN B 15 -43.66 -15.47 -3.56
CA GLN B 15 -44.27 -16.46 -2.64
C GLN B 15 -45.17 -15.68 -1.65
N ARG B 16 -44.96 -15.76 -0.36
CA ARG B 16 -45.91 -15.04 0.53
C ARG B 16 -45.35 -13.74 1.06
N LYS B 17 -44.36 -13.15 0.35
CA LYS B 17 -43.71 -11.95 0.88
C LYS B 17 -43.68 -10.84 -0.16
N CYS B 18 -43.48 -9.63 0.32
CA CYS B 18 -43.36 -8.44 -0.43
C CYS B 18 -41.99 -7.83 -0.14
N PHE B 19 -41.31 -7.34 -1.20
CA PHE B 19 -39.92 -6.87 -1.09
C PHE B 19 -39.74 -5.51 -1.67
N TYR B 20 -38.97 -4.69 -0.95
CA TYR B 20 -38.53 -3.34 -1.32
C TYR B 20 -37.02 -3.38 -1.55
N PHE B 21 -36.56 -2.94 -2.71
CA PHE B 21 -35.15 -2.82 -3.05
C PHE B 21 -34.85 -1.34 -3.14
N SER B 22 -33.92 -0.86 -2.31
CA SER B 22 -33.64 0.57 -2.26
C SER B 22 -32.90 1.09 -3.52
N ASP B 23 -33.06 2.37 -3.79
CA ASP B 23 -32.21 3.08 -4.78
C ASP B 23 -31.02 3.74 -4.17
N ASP B 24 -31.17 4.17 -2.93
CA ASP B 24 -30.19 4.88 -2.15
C ASP B 24 -29.43 3.90 -1.26
N THR B 25 -28.43 4.44 -0.60
CA THR B 25 -27.60 3.65 0.36
C THR B 25 -27.77 4.22 1.76
N LYS B 26 -27.64 3.34 2.77
CA LYS B 26 -27.70 3.73 4.19
C LYS B 26 -26.81 2.73 4.95
N ASN B 27 -26.43 3.07 6.17
CA ASN B 27 -25.83 2.08 7.03
C ASN B 27 -26.88 1.07 7.50
N TRP B 28 -26.45 0.00 8.16
CA TRP B 28 -27.36 -1.11 8.45
C TRP B 28 -28.49 -0.70 9.41
N THR B 29 -28.17 0.04 10.48
CA THR B 29 -29.20 0.39 11.43
C THR B 29 -30.18 1.40 10.83
N SER B 30 -29.72 2.35 10.05
CA SER B 30 -30.62 3.29 9.35
CA SER B 30 -30.66 3.28 9.39
C SER B 30 -31.50 2.58 8.34
N SER B 31 -30.92 1.58 7.65
CA SER B 31 -31.73 0.72 6.74
C SER B 31 -32.88 0.03 7.49
N GLN B 32 -32.59 -0.61 8.63
CA GLN B 32 -33.64 -1.28 9.41
C GLN B 32 -34.69 -0.30 9.95
N ARG B 33 -34.26 0.87 10.36
CA ARG B 33 -35.19 1.97 10.74
C ARG B 33 -36.15 2.32 9.61
N PHE B 34 -35.66 2.43 8.38
CA PHE B 34 -36.48 2.62 7.20
C PHE B 34 -37.48 1.47 7.03
N CYS B 35 -36.98 0.22 7.04
CA CYS B 35 -37.89 -0.94 6.92
C CYS B 35 -38.98 -0.93 8.02
N ASP B 36 -38.58 -0.65 9.24
CA ASP B 36 -39.51 -0.62 10.35
C ASP B 36 -40.63 0.45 10.13
N SER B 37 -40.28 1.59 9.54
CA SER B 37 -41.22 2.65 9.19
C SER B 37 -42.27 2.23 8.16
N GLN B 38 -41.98 1.16 7.38
CA GLN B 38 -42.91 0.57 6.43
C GLN B 38 -43.52 -0.73 6.96
N ASP B 39 -43.57 -0.93 8.29
CA ASP B 39 -43.99 -2.20 8.95
C ASP B 39 -43.30 -3.43 8.36
N ALA B 40 -41.98 -3.31 8.18
CA ALA B 40 -41.24 -4.35 7.53
C ALA B 40 -39.94 -4.51 8.29
N ASP B 41 -39.15 -5.48 7.86
CA ASP B 41 -37.80 -5.64 8.39
C ASP B 41 -36.82 -5.71 7.22
N LEU B 42 -35.57 -5.47 7.50
CA LEU B 42 -34.48 -5.89 6.56
C LEU B 42 -34.68 -7.38 6.33
N ALA B 43 -34.58 -7.80 5.07
CA ALA B 43 -35.04 -9.09 4.64
C ALA B 43 -34.62 -10.24 5.56
N GLN B 44 -35.58 -11.06 5.92
CA GLN B 44 -35.33 -12.23 6.73
C GLN B 44 -35.29 -13.39 5.77
N VAL B 45 -34.12 -13.70 5.25
CA VAL B 45 -34.03 -14.58 4.07
C VAL B 45 -33.96 -16.05 4.64
N GLU B 46 -35.08 -16.74 4.55
CA GLU B 46 -35.31 -17.99 5.29
C GLU B 46 -35.11 -19.27 4.45
N SER B 47 -34.90 -19.10 3.14
CA SER B 47 -34.93 -20.26 2.18
C SER B 47 -34.00 -20.01 1.05
N PHE B 48 -33.48 -21.07 0.45
CA PHE B 48 -32.77 -20.93 -0.83
C PHE B 48 -33.62 -20.30 -1.94
N GLN B 49 -34.91 -20.64 -2.03
CA GLN B 49 -35.73 -20.05 -3.09
C GLN B 49 -35.79 -18.52 -2.92
N GLU B 50 -35.96 -18.06 -1.68
CA GLU B 50 -35.93 -16.63 -1.41
C GLU B 50 -34.60 -16.00 -1.74
N LEU B 51 -33.51 -16.59 -1.26
CA LEU B 51 -32.18 -16.11 -1.62
C LEU B 51 -31.98 -15.93 -3.15
N ASN B 52 -32.40 -16.93 -3.93
CA ASN B 52 -32.23 -16.91 -5.36
C ASN B 52 -33.07 -15.84 -6.05
N PHE B 53 -34.26 -15.60 -5.51
CA PHE B 53 -35.10 -14.54 -5.99
C PHE B 53 -34.38 -13.20 -5.73
N LEU B 54 -33.88 -12.99 -4.53
CA LEU B 54 -33.19 -11.74 -4.21
C LEU B 54 -31.95 -11.52 -5.08
N LEU B 55 -31.15 -12.56 -5.24
CA LEU B 55 -29.93 -12.45 -6.09
C LEU B 55 -30.27 -12.09 -7.54
N ARG B 56 -31.38 -12.63 -8.03
CA ARG B 56 -31.78 -12.42 -9.43
C ARG B 56 -32.27 -11.01 -9.65
N TYR B 57 -32.97 -10.42 -8.69
CA TYR B 57 -33.49 -9.09 -8.88
C TYR B 57 -32.50 -7.99 -8.45
N LYS B 58 -31.58 -8.26 -7.54
CA LYS B 58 -30.97 -7.11 -6.84
C LYS B 58 -30.08 -6.20 -7.72
N GLY B 59 -29.45 -6.77 -8.73
CA GLY B 59 -28.46 -6.04 -9.57
C GLY B 59 -27.08 -6.11 -8.90
N PRO B 60 -26.13 -5.34 -9.41
CA PRO B 60 -24.73 -5.52 -9.01
C PRO B 60 -24.36 -4.94 -7.60
N SER B 61 -25.18 -4.07 -7.03
CA SER B 61 -24.87 -3.45 -5.74
C SER B 61 -25.08 -4.37 -4.56
N ASP B 62 -24.24 -4.19 -3.53
CA ASP B 62 -24.43 -4.89 -2.28
C ASP B 62 -25.72 -4.41 -1.61
N HIS B 63 -26.50 -5.31 -1.05
CA HIS B 63 -27.74 -4.96 -0.32
C HIS B 63 -27.77 -5.58 1.07
N TRP B 64 -27.86 -4.73 2.13
CA TRP B 64 -28.11 -5.23 3.44
C TRP B 64 -29.32 -6.11 3.56
N ILE B 65 -29.18 -7.15 4.41
CA ILE B 65 -30.30 -8.03 4.87
C ILE B 65 -30.30 -8.10 6.43
N GLY B 66 -31.36 -8.71 7.02
CA GLY B 66 -31.67 -8.47 8.44
C GLY B 66 -31.00 -9.53 9.36
N LEU B 67 -29.68 -9.70 9.24
CA LEU B 67 -28.87 -10.55 10.12
C LEU B 67 -27.76 -9.69 10.69
N SER B 68 -27.53 -9.76 12.01
CA SER B 68 -26.47 -9.02 12.64
C SER B 68 -25.94 -9.80 13.83
N ARG B 69 -24.73 -9.43 14.24
CA ARG B 69 -24.09 -10.03 15.43
C ARG B 69 -23.18 -9.02 16.14
N GLU B 70 -22.97 -9.20 17.44
CA GLU B 70 -21.88 -8.46 18.19
C GLU B 70 -20.71 -9.37 18.15
N GLN B 71 -19.46 -8.86 18.32
CA GLN B 71 -18.28 -9.76 18.32
C GLN B 71 -18.45 -10.77 19.49
N GLY B 72 -18.04 -11.97 19.20
CA GLY B 72 -18.18 -13.21 19.97
C GLY B 72 -19.60 -13.62 20.27
N GLN B 73 -20.57 -13.18 19.44
CA GLN B 73 -21.93 -13.59 19.58
C GLN B 73 -22.44 -14.12 18.26
N PRO B 74 -23.38 -15.06 18.31
CA PRO B 74 -23.90 -15.62 17.08
C PRO B 74 -24.73 -14.61 16.26
N TRP B 75 -24.82 -14.92 14.98
CA TRP B 75 -25.80 -14.26 14.10
C TRP B 75 -27.21 -14.31 14.64
N LYS B 76 -27.88 -13.17 14.67
CA LYS B 76 -29.24 -13.09 15.08
C LYS B 76 -30.12 -12.47 14.01
N TRP B 77 -31.34 -13.02 13.91
CA TRP B 77 -32.45 -12.38 13.21
C TRP B 77 -32.86 -11.02 13.84
N ILE B 78 -33.66 -10.24 13.14
CA ILE B 78 -34.03 -8.93 13.67
C ILE B 78 -34.71 -9.03 15.05
N ASN B 79 -35.56 -10.05 15.26
CA ASN B 79 -36.20 -10.25 16.55
C ASN B 79 -35.32 -10.77 17.66
N GLY B 80 -34.02 -10.95 17.41
CA GLY B 80 -33.09 -11.28 18.45
C GLY B 80 -32.90 -12.77 18.66
N THR B 81 -33.60 -13.61 17.91
CA THR B 81 -33.35 -15.05 17.94
C THR B 81 -32.20 -15.47 17.08
N GLU B 82 -31.63 -16.63 17.40
CA GLU B 82 -30.41 -17.12 16.75
CA GLU B 82 -30.41 -17.10 16.73
C GLU B 82 -30.69 -17.70 15.36
N TRP B 83 -29.84 -17.33 14.40
CA TRP B 83 -29.90 -17.85 13.02
C TRP B 83 -29.28 -19.21 12.95
N THR B 84 -29.89 -20.08 12.20
CA THR B 84 -29.27 -21.36 11.92
C THR B 84 -28.93 -21.44 10.44
N ARG B 85 -27.68 -21.80 10.13
CA ARG B 85 -27.20 -21.84 8.74
C ARG B 85 -28.00 -22.67 7.74
N GLN B 86 -28.39 -22.02 6.65
CA GLN B 86 -28.84 -22.71 5.44
C GLN B 86 -27.79 -22.52 4.37
N PHE B 87 -27.67 -21.29 3.90
CA PHE B 87 -26.49 -20.81 3.12
C PHE B 87 -25.54 -20.18 4.05
N PRO B 88 -24.23 -20.16 3.70
CA PRO B 88 -23.26 -19.57 4.58
C PRO B 88 -23.28 -18.03 4.52
N ILE B 89 -22.80 -17.38 5.57
CA ILE B 89 -22.52 -15.94 5.55
C ILE B 89 -20.99 -15.82 5.62
N LEU B 90 -20.39 -15.38 4.55
CA LEU B 90 -18.97 -15.17 4.54
C LEU B 90 -18.41 -13.98 5.34
N GLY B 91 -17.17 -14.16 5.78
CA GLY B 91 -16.39 -13.15 6.53
C GLY B 91 -16.61 -12.99 8.04
N ALA B 92 -16.08 -11.90 8.58
CA ALA B 92 -16.03 -11.61 10.02
C ALA B 92 -16.72 -10.29 10.40
N GLY B 93 -17.57 -9.74 9.55
CA GLY B 93 -18.24 -8.50 9.87
C GLY B 93 -19.45 -8.73 10.74
N GLU B 94 -19.99 -7.65 11.24
CA GLU B 94 -21.09 -7.70 12.20
C GLU B 94 -22.44 -7.63 11.53
N CYS B 95 -22.49 -7.17 10.26
CA CYS B 95 -23.80 -7.02 9.59
C CYS B 95 -23.73 -7.76 8.25
N ALA B 96 -24.84 -8.36 7.87
CA ALA B 96 -24.89 -9.24 6.70
C ALA B 96 -25.51 -8.53 5.50
N TYR B 97 -25.02 -8.90 4.32
CA TYR B 97 -25.58 -8.34 3.07
C TYR B 97 -25.48 -9.37 2.00
N LEU B 98 -26.13 -9.11 0.89
CA LEU B 98 -26.00 -9.93 -0.31
C LEU B 98 -25.09 -9.29 -1.30
N ASN B 99 -24.13 -10.10 -1.80
CA ASN B 99 -23.38 -9.74 -2.94
C ASN B 99 -23.79 -10.65 -4.10
N ASP B 100 -23.04 -10.69 -5.22
CA ASP B 100 -23.56 -11.53 -6.35
C ASP B 100 -23.44 -13.07 -6.03
N LYS B 101 -22.61 -13.52 -5.13
CA LYS B 101 -22.61 -14.97 -4.94
C LYS B 101 -23.42 -15.50 -3.75
N GLY B 102 -23.96 -14.62 -2.93
CA GLY B 102 -24.65 -15.04 -1.73
C GLY B 102 -24.46 -14.04 -0.61
N ALA B 103 -24.44 -14.52 0.61
CA ALA B 103 -24.39 -13.65 1.78
C ALA B 103 -22.95 -13.40 2.21
N SER B 104 -22.70 -12.16 2.64
CA SER B 104 -21.41 -11.77 3.13
C SER B 104 -21.59 -10.85 4.32
N SER B 105 -20.49 -10.46 4.95
CA SER B 105 -20.57 -9.63 6.15
C SER B 105 -19.57 -8.47 6.09
N ALA B 106 -19.95 -7.37 6.74
CA ALA B 106 -19.19 -6.12 6.76
C ALA B 106 -19.42 -5.34 8.01
N ARG B 107 -18.64 -4.27 8.17
CA ARG B 107 -18.87 -3.31 9.25
C ARG B 107 -20.19 -2.59 9.07
N CYS B 108 -20.91 -2.46 10.18
CA CYS B 108 -22.31 -1.97 10.14
C CYS B 108 -22.43 -0.49 9.72
N TYR B 109 -21.36 0.29 9.97
CA TYR B 109 -21.33 1.69 9.54
C TYR B 109 -21.17 1.99 8.06
N THR B 110 -20.82 1.01 7.25
CA THR B 110 -20.72 1.18 5.82
C THR B 110 -22.10 1.42 5.17
N GLU B 111 -22.14 2.11 4.03
CA GLU B 111 -23.42 2.39 3.35
C GLU B 111 -23.59 1.46 2.14
N ARG B 112 -24.69 0.72 2.15
CA ARG B 112 -25.03 -0.19 1.08
C ARG B 112 -26.47 0.10 0.71
N LYS B 113 -26.97 -0.49 -0.36
CA LYS B 113 -28.40 -0.53 -0.59
C LYS B 113 -29.00 -1.52 0.41
N TRP B 114 -30.31 -1.62 0.43
CA TRP B 114 -30.97 -2.56 1.29
C TRP B 114 -32.19 -3.15 0.74
N ILE B 115 -32.63 -4.27 1.37
CA ILE B 115 -33.85 -4.90 1.03
C ILE B 115 -34.75 -5.02 2.29
N CYS B 116 -35.99 -4.54 2.19
CA CYS B 116 -37.04 -4.76 3.19
C CYS B 116 -37.97 -5.87 2.76
N SER B 117 -38.46 -6.65 3.73
CA SER B 117 -39.54 -7.60 3.48
C SER B 117 -40.66 -7.53 4.51
N LYS B 118 -41.86 -7.89 4.06
CA LYS B 118 -43.01 -8.05 4.97
C LYS B 118 -43.94 -9.05 4.35
N SER B 119 -44.87 -9.58 5.17
CA SER B 119 -45.80 -10.58 4.73
C SER B 119 -46.75 -9.93 3.73
N ASP B 120 -47.24 -10.69 2.78
CA ASP B 120 -48.29 -10.13 1.91
C ASP B 120 -49.65 -10.06 2.63
N ILE B 121 -49.77 -10.72 3.79
CA ILE B 121 -51.02 -10.73 4.57
C ILE B 121 -50.85 -9.87 5.82
N GLY C 3 17.57 3.53 -20.60
CA GLY C 3 17.14 3.48 -22.04
C GLY C 3 17.15 2.11 -22.70
N GLY C 4 16.80 1.05 -21.96
CA GLY C 4 16.31 -0.22 -22.55
C GLY C 4 17.17 -0.88 -23.64
N LEU C 5 18.47 -0.99 -23.39
CA LEU C 5 19.34 -1.75 -24.26
C LEU C 5 19.00 -3.26 -24.20
N LEU C 6 18.89 -3.77 -22.99
CA LEU C 6 18.64 -5.18 -22.71
C LEU C 6 17.19 -5.42 -22.33
N ASN C 7 16.73 -6.66 -22.36
CA ASN C 7 15.33 -6.95 -21.99
C ASN C 7 14.92 -6.64 -20.57
N CYS C 8 15.87 -6.73 -19.65
CA CYS C 8 15.57 -6.52 -18.23
C CYS C 8 16.12 -5.20 -17.81
N PRO C 9 15.42 -4.49 -16.93
CA PRO C 9 15.93 -3.26 -16.40
C PRO C 9 17.20 -3.39 -15.52
N ILE C 10 17.84 -2.25 -15.31
CA ILE C 10 19.03 -2.16 -14.47
C ILE C 10 18.76 -2.79 -13.07
N TYR C 11 19.69 -3.63 -12.63
CA TYR C 11 19.73 -4.40 -11.39
C TYR C 11 18.99 -5.73 -11.48
N TRP C 12 18.26 -5.99 -12.56
CA TRP C 12 17.47 -7.24 -12.71
C TRP C 12 18.29 -8.18 -13.61
N GLN C 13 18.19 -9.49 -13.34
CA GLN C 13 18.89 -10.53 -14.13
CA GLN C 13 18.90 -10.52 -14.12
C GLN C 13 17.89 -11.26 -15.01
N GLN C 14 18.20 -11.38 -16.30
CA GLN C 14 17.38 -12.22 -17.16
C GLN C 14 17.67 -13.70 -16.92
N LEU C 15 16.63 -14.50 -16.87
CA LEU C 15 16.78 -15.91 -16.90
C LEU C 15 15.68 -16.47 -17.77
N ARG C 16 16.09 -16.97 -18.94
CA ARG C 16 15.18 -17.44 -19.98
C ARG C 16 14.17 -16.30 -20.25
N GLU C 17 12.88 -16.50 -20.00
CA GLU C 17 11.91 -15.47 -20.28
C GLU C 17 11.42 -14.69 -19.09
N LYS C 18 12.22 -14.62 -18.03
CA LYS C 18 11.91 -13.79 -16.87
C LYS C 18 13.03 -12.83 -16.61
N CYS C 19 12.68 -11.65 -16.06
CA CYS C 19 13.59 -10.79 -15.36
C CYS C 19 13.42 -11.07 -13.84
N LEU C 20 14.53 -11.26 -13.11
CA LEU C 20 14.55 -11.54 -11.68
C LEU C 20 15.29 -10.47 -10.92
N LEU C 21 14.74 -10.08 -9.77
CA LEU C 21 15.38 -9.17 -8.86
C LEU C 21 15.63 -9.89 -7.53
N PHE C 22 16.90 -10.04 -7.19
CA PHE C 22 17.30 -10.64 -5.89
C PHE C 22 17.50 -9.56 -4.91
N SER C 23 16.74 -9.51 -3.83
CA SER C 23 16.82 -8.37 -2.92
C SER C 23 18.17 -8.37 -2.17
N HIS C 24 18.51 -7.19 -1.68
CA HIS C 24 19.73 -7.00 -0.92
C HIS C 24 19.43 -6.79 0.56
N THR C 25 18.19 -6.57 0.93
CA THR C 25 17.79 -6.39 2.33
C THR C 25 16.78 -7.51 2.61
N VAL C 26 16.41 -7.60 3.88
CA VAL C 26 15.55 -8.66 4.41
C VAL C 26 14.17 -8.18 4.76
N ASN C 27 13.23 -9.10 4.84
CA ASN C 27 11.85 -8.82 5.15
C ASN C 27 11.07 -10.08 5.52
N PRO C 28 9.98 -9.97 6.29
CA PRO C 28 9.03 -11.07 6.37
C PRO C 28 8.33 -11.24 5.02
N TRP C 29 7.67 -12.36 4.89
CA TRP C 29 7.06 -12.72 3.62
C TRP C 29 6.05 -11.70 3.15
N ASN C 30 5.15 -11.27 4.05
CA ASN C 30 4.11 -10.33 3.64
CA ASN C 30 4.09 -10.26 3.77
C ASN C 30 4.71 -9.01 3.11
N ASN C 31 5.74 -8.48 3.75
N ASN C 31 5.77 -8.53 3.74
CA ASN C 31 6.39 -7.23 3.17
CA ASN C 31 6.45 -7.28 3.26
C ASN C 31 7.10 -7.48 1.84
C ASN C 31 7.19 -7.46 1.93
N SER C 32 7.68 -8.67 1.68
CA SER C 32 8.26 -9.08 0.44
C SER C 32 7.25 -9.11 -0.70
N LEU C 33 6.06 -9.70 -0.46
CA LEU C 33 4.97 -9.63 -1.43
C LEU C 33 4.62 -8.15 -1.79
N ALA C 34 4.51 -7.32 -0.76
CA ALA C 34 4.21 -5.88 -0.97
C ALA C 34 5.27 -5.17 -1.78
N ASP C 35 6.52 -5.51 -1.54
CA ASP C 35 7.64 -4.94 -2.30
C ASP C 35 7.57 -5.35 -3.76
N CYS C 36 7.35 -6.65 -4.05
CA CYS C 36 7.21 -7.03 -5.46
C CYS C 36 6.01 -6.30 -6.13
N SER C 37 4.85 -6.26 -5.48
CA SER C 37 3.71 -5.59 -6.04
C SER C 37 3.99 -4.09 -6.32
N THR C 38 4.73 -3.47 -5.43
CA THR C 38 5.11 -2.08 -5.56
C THR C 38 6.00 -1.89 -6.79
N LYS C 39 6.88 -2.85 -7.03
CA LYS C 39 7.68 -2.91 -8.24
C LYS C 39 7.00 -3.43 -9.48
N GLU C 40 5.69 -3.59 -9.45
CA GLU C 40 4.92 -4.07 -10.59
C GLU C 40 5.44 -5.42 -11.04
N SER C 41 5.48 -6.32 -10.06
CA SER C 41 6.10 -7.62 -10.27
C SER C 41 5.52 -8.66 -9.28
N SER C 42 5.84 -9.92 -9.53
N SER C 42 5.92 -9.90 -9.48
CA SER C 42 5.38 -11.05 -8.71
CA SER C 42 5.44 -11.04 -8.71
C SER C 42 6.51 -11.55 -7.85
C SER C 42 6.55 -11.54 -7.84
N LEU C 43 6.23 -12.05 -6.63
CA LEU C 43 7.16 -12.97 -5.97
C LEU C 43 7.46 -14.13 -6.90
N LEU C 44 8.66 -14.69 -6.83
CA LEU C 44 9.08 -15.75 -7.76
C LEU C 44 8.09 -16.93 -7.79
N LEU C 45 7.71 -17.32 -8.99
CA LEU C 45 6.91 -18.57 -9.26
C LEU C 45 7.85 -19.59 -9.90
N ILE C 46 7.79 -20.86 -9.49
CA ILE C 46 8.66 -21.86 -10.01
C ILE C 46 7.81 -22.96 -10.67
N ARG C 47 7.93 -23.07 -11.98
CA ARG C 47 7.08 -24.03 -12.75
C ARG C 47 7.46 -25.51 -12.55
N ASP C 48 8.75 -25.81 -12.50
CA ASP C 48 9.20 -27.17 -12.48
C ASP C 48 10.58 -27.20 -11.94
N LYS C 49 11.09 -28.41 -11.77
CA LYS C 49 12.41 -28.65 -11.26
C LYS C 49 13.50 -27.95 -12.08
N ASP C 50 13.40 -28.07 -13.41
CA ASP C 50 14.35 -27.38 -14.29
C ASP C 50 14.42 -25.85 -14.04
N GLU C 51 13.28 -25.16 -13.87
CA GLU C 51 13.31 -23.75 -13.48
C GLU C 51 14.02 -23.52 -12.09
N LEU C 52 13.72 -24.39 -11.13
CA LEU C 52 14.30 -24.27 -9.81
C LEU C 52 15.84 -24.33 -9.90
N ILE C 53 16.36 -25.37 -10.54
CA ILE C 53 17.81 -25.54 -10.70
C ILE C 53 18.47 -24.37 -11.45
N HIS C 54 17.85 -23.91 -12.54
CA HIS C 54 18.43 -22.83 -13.30
C HIS C 54 18.40 -21.50 -12.55
N THR C 55 17.41 -21.31 -11.68
CA THR C 55 17.38 -20.13 -10.85
C THR C 55 18.47 -20.21 -9.75
N GLN C 56 18.54 -21.38 -9.11
CA GLN C 56 19.59 -21.61 -8.12
C GLN C 56 21.00 -21.44 -8.69
N ASN C 57 21.19 -21.81 -9.96
CA ASN C 57 22.47 -21.63 -10.65
C ASN C 57 22.91 -20.18 -10.85
N LEU C 58 22.06 -19.22 -10.54
CA LEU C 58 22.46 -17.84 -10.43
C LEU C 58 23.10 -17.46 -9.10
N ILE C 59 22.90 -18.28 -8.06
CA ILE C 59 23.23 -17.91 -6.70
C ILE C 59 24.60 -18.48 -6.36
N ARG C 60 25.44 -17.61 -5.79
CA ARG C 60 26.78 -18.01 -5.38
C ARG C 60 26.82 -18.40 -3.89
N ASP C 61 26.28 -17.56 -3.06
CA ASP C 61 26.37 -17.72 -1.59
C ASP C 61 25.31 -18.76 -1.15
N LYS C 62 25.78 -19.95 -0.81
CA LYS C 62 24.89 -21.03 -0.32
C LYS C 62 24.23 -20.86 1.02
N ALA C 63 24.62 -19.85 1.77
CA ALA C 63 24.06 -19.63 3.08
C ALA C 63 22.85 -18.72 3.07
N ILE C 64 22.36 -18.30 1.91
CA ILE C 64 21.35 -17.25 1.83
C ILE C 64 19.99 -17.85 1.42
N LEU C 65 18.97 -17.48 2.15
CA LEU C 65 17.59 -17.86 1.84
C LEU C 65 16.82 -16.69 1.14
N PHE C 66 15.90 -17.03 0.24
CA PHE C 66 15.10 -16.02 -0.51
C PHE C 66 13.65 -16.46 -0.49
N TRP C 67 12.75 -15.60 -0.05
CA TRP C 67 11.33 -15.89 -0.20
C TRP C 67 10.91 -16.04 -1.69
N ILE C 68 9.98 -16.98 -1.93
CA ILE C 68 9.27 -17.13 -3.22
C ILE C 68 7.77 -17.01 -2.99
N GLY C 69 7.00 -17.04 -4.06
CA GLY C 69 5.59 -16.72 -4.02
C GLY C 69 4.64 -17.84 -3.59
N LEU C 70 5.01 -18.56 -2.52
CA LEU C 70 4.36 -19.82 -2.15
C LEU C 70 4.19 -19.82 -0.64
N ASN C 71 2.97 -19.99 -0.18
CA ASN C 71 2.77 -20.08 1.26
C ASN C 71 1.71 -21.14 1.64
N PHE C 72 1.40 -21.26 2.93
CA PHE C 72 0.62 -22.42 3.41
C PHE C 72 -0.87 -22.17 3.21
N SER C 73 -1.57 -23.11 2.59
CA SER C 73 -3.02 -23.10 2.46
C SER C 73 -3.63 -23.83 3.68
N LEU C 74 -4.38 -23.08 4.47
CA LEU C 74 -5.26 -23.58 5.52
C LEU C 74 -6.28 -24.61 5.06
N SER C 75 -6.98 -24.39 3.95
CA SER C 75 -7.96 -25.36 3.43
C SER C 75 -7.33 -26.75 3.17
N GLU C 76 -6.27 -26.76 2.39
CA GLU C 76 -5.69 -27.96 1.85
C GLU C 76 -4.57 -28.55 2.71
N LYS C 77 -4.06 -27.83 3.71
CA LYS C 77 -2.97 -28.20 4.50
C LYS C 77 -1.84 -28.48 3.55
N ASN C 78 -1.68 -27.56 2.56
CA ASN C 78 -0.57 -27.68 1.61
C ASN C 78 -0.31 -26.23 1.02
N TRP C 79 0.54 -26.15 0.08
CA TRP C 79 1.13 -24.87 -0.30
C TRP C 79 0.32 -24.28 -1.47
N LYS C 80 0.15 -22.96 -1.50
CA LYS C 80 -0.54 -22.33 -2.61
C LYS C 80 0.31 -21.19 -3.15
N TRP C 81 0.44 -21.11 -4.48
CA TRP C 81 1.11 -19.96 -5.13
C TRP C 81 0.27 -18.68 -5.00
N ILE C 82 0.93 -17.51 -5.05
CA ILE C 82 0.21 -16.27 -5.03
C ILE C 82 -0.71 -16.04 -6.25
N ASN C 83 -0.52 -16.81 -7.33
CA ASN C 83 -1.40 -16.80 -8.47
C ASN C 83 -2.71 -17.55 -8.30
N GLY C 84 -2.94 -18.09 -7.10
CA GLY C 84 -4.14 -18.80 -6.79
C GLY C 84 -4.09 -20.31 -6.96
N SER C 85 -3.09 -20.86 -7.60
CA SER C 85 -3.00 -22.31 -7.83
C SER C 85 -2.30 -23.04 -6.70
N PHE C 86 -2.82 -24.24 -6.35
CA PHE C 86 -2.14 -25.09 -5.34
C PHE C 86 -0.94 -25.61 -5.92
N LEU C 87 0.07 -25.88 -5.09
CA LEU C 87 1.30 -26.41 -5.58
C LEU C 87 1.14 -27.66 -6.47
N ASN C 88 0.38 -28.59 -6.01
CA ASN C 88 0.11 -29.76 -6.92
C ASN C 88 1.36 -30.41 -7.56
N SER C 89 2.36 -30.68 -6.74
CA SER C 89 3.63 -31.16 -7.23
C SER C 89 4.52 -31.49 -6.06
N ASN C 90 5.38 -32.47 -6.26
CA ASN C 90 6.46 -32.82 -5.39
C ASN C 90 7.86 -32.41 -5.95
N ASP C 91 7.88 -31.59 -7.00
CA ASP C 91 9.17 -31.17 -7.61
CA ASP C 91 9.14 -31.12 -7.61
C ASP C 91 10.08 -30.35 -6.65
N LEU C 92 9.52 -29.60 -5.70
CA LEU C 92 10.35 -28.70 -4.90
C LEU C 92 11.05 -29.39 -3.73
N GLU C 93 10.55 -30.55 -3.31
CA GLU C 93 11.15 -31.27 -2.20
C GLU C 93 11.38 -30.38 -0.96
N ILE C 94 10.31 -29.72 -0.56
CA ILE C 94 10.27 -28.78 0.54
C ILE C 94 10.77 -29.45 1.83
N ARG C 95 11.72 -28.80 2.49
CA ARG C 95 12.25 -29.24 3.82
C ARG C 95 11.51 -28.54 4.90
N GLY C 96 11.05 -29.29 5.92
CA GLY C 96 10.25 -28.72 6.99
C GLY C 96 8.76 -29.01 6.90
N ASP C 97 8.02 -28.37 7.78
CA ASP C 97 6.63 -28.66 8.09
C ASP C 97 5.66 -27.82 7.29
N ALA C 98 4.59 -28.43 6.78
CA ALA C 98 3.44 -27.71 6.25
C ALA C 98 2.51 -27.30 7.41
N LYS C 99 2.61 -26.06 7.85
CA LYS C 99 1.79 -25.60 8.95
C LYS C 99 1.46 -24.14 8.84
N GLU C 100 0.50 -23.73 9.65
CA GLU C 100 0.02 -22.39 9.67
C GLU C 100 1.19 -21.42 9.85
N ASN C 101 1.13 -20.32 9.14
CA ASN C 101 2.17 -19.27 9.27
C ASN C 101 3.55 -19.65 8.75
N SER C 102 3.59 -20.61 7.82
CA SER C 102 4.77 -21.00 7.11
C SER C 102 4.71 -20.54 5.67
N CYS C 103 5.90 -20.24 5.13
CA CYS C 103 6.04 -19.75 3.75
C CYS C 103 7.29 -20.43 3.17
N ILE C 104 7.43 -20.45 1.87
CA ILE C 104 8.52 -21.13 1.22
C ILE C 104 9.64 -20.16 0.82
N SER C 105 10.89 -20.56 1.10
CA SER C 105 12.06 -19.91 0.60
C SER C 105 12.96 -20.91 -0.16
N ILE C 106 13.90 -20.40 -0.98
CA ILE C 106 14.93 -21.22 -1.61
C ILE C 106 16.33 -20.77 -1.22
N SER C 107 17.28 -21.70 -1.28
CA SER C 107 18.67 -21.47 -1.20
C SER C 107 19.27 -22.01 -2.49
N GLN C 108 20.57 -21.90 -2.63
CA GLN C 108 21.27 -22.47 -3.75
CA GLN C 108 21.22 -22.48 -3.79
C GLN C 108 21.02 -23.99 -3.92
N THR C 109 20.92 -24.72 -2.79
CA THR C 109 20.79 -26.15 -2.89
C THR C 109 19.43 -26.68 -2.54
N SER C 110 18.60 -25.87 -1.92
CA SER C 110 17.45 -26.40 -1.14
C SER C 110 16.22 -25.52 -1.21
N VAL C 111 15.09 -26.10 -0.80
CA VAL C 111 13.83 -25.39 -0.68
C VAL C 111 13.34 -25.61 0.76
N TYR C 112 13.02 -24.53 1.47
CA TYR C 112 12.67 -24.62 2.90
C TYR C 112 11.38 -23.98 3.27
N SER C 113 10.61 -24.66 4.14
CA SER C 113 9.53 -24.06 4.86
C SER C 113 10.10 -23.27 6.04
N GLU C 114 9.72 -22.01 6.16
CA GLU C 114 10.14 -21.17 7.28
C GLU C 114 8.95 -20.39 7.79
N TYR C 115 8.99 -19.98 9.06
CA TYR C 115 7.99 -19.10 9.56
C TYR C 115 7.98 -17.77 8.74
N CYS C 116 6.77 -17.37 8.38
CA CYS C 116 6.52 -16.18 7.49
C CYS C 116 7.10 -14.85 8.06
N SER C 117 7.17 -14.76 9.39
CA SER C 117 7.79 -13.63 10.11
C SER C 117 9.30 -13.60 9.99
N THR C 118 9.95 -14.70 9.57
CA THR C 118 11.39 -14.71 9.40
C THR C 118 11.88 -13.60 8.40
N GLU C 119 12.94 -12.90 8.79
CA GLU C 119 13.51 -11.81 7.98
C GLU C 119 14.60 -12.32 7.08
N ILE C 120 14.22 -12.60 5.82
CA ILE C 120 15.16 -13.05 4.79
C ILE C 120 15.00 -12.23 3.53
N ARG C 121 15.87 -12.47 2.57
CA ARG C 121 15.77 -11.85 1.29
C ARG C 121 14.61 -12.46 0.45
N TRP C 122 14.31 -11.85 -0.67
CA TRP C 122 13.20 -12.31 -1.55
C TRP C 122 13.55 -12.06 -2.99
N ILE C 123 12.81 -12.74 -3.89
CA ILE C 123 13.01 -12.63 -5.35
C ILE C 123 11.72 -12.21 -5.99
N CYS C 124 11.80 -11.13 -6.79
CA CYS C 124 10.68 -10.72 -7.63
C CYS C 124 10.90 -11.12 -9.07
N GLN C 125 9.81 -11.26 -9.84
CA GLN C 125 9.91 -11.63 -11.25
C GLN C 125 9.01 -10.79 -12.08
N LYS C 126 9.48 -10.51 -13.30
CA LYS C 126 8.66 -9.95 -14.40
C LYS C 126 8.79 -10.84 -15.66
N GLU C 127 7.67 -11.16 -16.32
CA GLU C 127 7.68 -12.09 -17.49
C GLU C 127 7.91 -11.30 -18.77
N LEU C 128 8.87 -11.73 -19.56
CA LEU C 128 9.12 -11.11 -20.84
C LEU C 128 8.15 -11.47 -21.96
N THR C 129 7.50 -12.61 -21.89
CA THR C 129 6.70 -13.04 -23.05
C THR C 129 5.30 -12.40 -23.12
N LEU D 5 6.22 1.82 -19.97
CA LEU D 5 4.87 1.41 -20.52
C LEU D 5 4.27 2.69 -21.10
N LEU D 6 3.82 2.65 -22.36
CA LEU D 6 3.28 3.85 -23.02
C LEU D 6 1.80 3.79 -23.20
N ASN D 7 1.25 2.57 -23.31
CA ASN D 7 -0.19 2.35 -23.42
C ASN D 7 -0.60 1.29 -22.43
N CYS D 8 -1.84 1.36 -21.97
CA CYS D 8 -2.35 0.40 -21.00
C CYS D 8 -2.57 -0.95 -21.64
N PRO D 9 -2.34 -2.06 -20.87
CA PRO D 9 -2.68 -3.35 -21.44
C PRO D 9 -4.15 -3.46 -21.78
N ILE D 10 -4.47 -4.40 -22.66
CA ILE D 10 -5.87 -4.64 -23.00
C ILE D 10 -6.64 -5.02 -21.74
N TYR D 11 -7.88 -4.59 -21.68
CA TYR D 11 -8.77 -4.66 -20.52
C TYR D 11 -8.51 -3.63 -19.39
N TRP D 12 -7.39 -2.94 -19.40
CA TRP D 12 -7.10 -1.93 -18.37
C TRP D 12 -7.63 -0.60 -18.83
N GLN D 13 -7.94 0.25 -17.88
CA GLN D 13 -8.51 1.58 -18.14
C GLN D 13 -7.42 2.60 -17.87
N GLN D 14 -7.18 3.53 -18.80
CA GLN D 14 -6.28 4.66 -18.49
C GLN D 14 -7.02 5.80 -17.80
N LEU D 15 -6.47 6.24 -16.67
CA LEU D 15 -6.91 7.43 -15.98
C LEU D 15 -5.69 8.26 -15.73
N ARG D 16 -5.63 9.42 -16.40
CA ARG D 16 -4.43 10.28 -16.38
C ARG D 16 -3.23 9.46 -16.89
N GLU D 17 -2.15 9.29 -16.12
CA GLU D 17 -1.01 8.47 -16.51
C GLU D 17 -0.93 7.16 -15.64
N LYS D 18 -2.09 6.66 -15.26
CA LYS D 18 -2.17 5.33 -14.62
C LYS D 18 -3.06 4.40 -15.42
N CYS D 19 -2.75 3.10 -15.45
CA CYS D 19 -3.68 2.08 -15.96
C CYS D 19 -4.31 1.38 -14.74
N LEU D 20 -5.63 1.18 -14.80
CA LEU D 20 -6.40 0.65 -13.71
C LEU D 20 -7.12 -0.57 -14.15
N LEU D 21 -7.21 -1.52 -13.23
CA LEU D 21 -8.03 -2.72 -13.45
C LEU D 21 -8.96 -2.92 -12.26
N PHE D 22 -10.25 -2.75 -12.48
CA PHE D 22 -11.28 -2.91 -11.47
C PHE D 22 -11.73 -4.37 -11.54
N SER D 23 -11.63 -5.11 -10.43
CA SER D 23 -11.95 -6.52 -10.47
C SER D 23 -13.45 -6.73 -10.73
N HIS D 24 -13.83 -7.93 -11.17
CA HIS D 24 -15.27 -8.24 -11.29
C HIS D 24 -15.71 -9.26 -10.23
N THR D 25 -14.76 -9.79 -9.46
CA THR D 25 -15.03 -10.79 -8.46
C THR D 25 -14.51 -10.23 -7.13
N VAL D 26 -14.63 -11.02 -6.07
CA VAL D 26 -14.35 -10.55 -4.72
C VAL D 26 -13.22 -11.37 -4.08
N ASN D 27 -12.56 -10.72 -3.13
CA ASN D 27 -11.45 -11.29 -2.40
C ASN D 27 -11.25 -10.55 -1.09
N PRO D 28 -10.68 -11.24 -0.06
CA PRO D 28 -10.10 -10.52 1.06
C PRO D 28 -8.90 -9.68 0.59
N TRP D 29 -8.42 -8.84 1.44
CA TRP D 29 -7.39 -7.91 1.00
C TRP D 29 -6.10 -8.61 0.62
N ASN D 30 -5.64 -9.58 1.44
CA ASN D 30 -4.37 -10.22 1.18
CA ASN D 30 -4.39 -10.31 1.22
C ASN D 30 -4.39 -10.96 -0.17
N ASN D 31 -5.49 -11.62 -0.52
CA ASN D 31 -5.65 -12.25 -1.83
CA ASN D 31 -5.60 -12.22 -1.85
C ASN D 31 -5.66 -11.22 -3.00
N SER D 32 -6.24 -10.06 -2.72
CA SER D 32 -6.28 -8.94 -3.72
C SER D 32 -4.88 -8.44 -3.96
N LEU D 33 -4.07 -8.30 -2.90
CA LEU D 33 -2.63 -8.03 -3.08
C LEU D 33 -1.91 -9.04 -3.93
N ALA D 34 -2.14 -10.32 -3.60
CA ALA D 34 -1.56 -11.42 -4.34
C ALA D 34 -1.98 -11.40 -5.83
N ASP D 35 -3.23 -11.08 -6.13
CA ASP D 35 -3.70 -10.95 -7.47
C ASP D 35 -2.97 -9.81 -8.25
N CYS D 36 -2.88 -8.64 -7.64
CA CYS D 36 -2.18 -7.52 -8.28
C CYS D 36 -0.75 -7.85 -8.58
N SER D 37 -0.04 -8.42 -7.59
CA SER D 37 1.33 -8.90 -7.79
C SER D 37 1.44 -9.93 -8.91
N THR D 38 0.49 -10.89 -8.96
CA THR D 38 0.42 -11.88 -10.07
C THR D 38 0.30 -11.19 -11.44
N LYS D 39 -0.44 -10.12 -11.45
CA LYS D 39 -0.65 -9.31 -12.68
C LYS D 39 0.43 -8.26 -12.84
N GLU D 40 1.52 -8.35 -12.09
CA GLU D 40 2.69 -7.44 -12.22
C GLU D 40 2.23 -5.99 -12.09
N SER D 41 1.61 -5.74 -10.97
CA SER D 41 0.90 -4.52 -10.69
C SER D 41 0.84 -4.26 -9.20
N SER D 42 0.41 -3.07 -8.82
CA SER D 42 0.24 -2.69 -7.40
C SER D 42 -1.24 -2.63 -7.05
N LEU D 43 -1.60 -2.87 -5.80
CA LEU D 43 -2.95 -2.40 -5.38
C LEU D 43 -2.95 -0.86 -5.49
N LEU D 44 -4.14 -0.29 -5.75
CA LEU D 44 -4.25 1.16 -6.00
C LEU D 44 -3.62 2.06 -4.89
N LEU D 45 -2.78 2.97 -5.30
CA LEU D 45 -2.20 4.07 -4.50
C LEU D 45 -2.90 5.37 -4.95
N ILE D 46 -3.24 6.23 -4.01
CA ILE D 46 -4.05 7.43 -4.25
C ILE D 46 -3.24 8.61 -3.77
N ARG D 47 -2.94 9.52 -4.67
CA ARG D 47 -2.05 10.68 -4.33
C ARG D 47 -2.80 11.80 -3.59
N ASP D 48 -4.04 12.06 -3.98
CA ASP D 48 -4.75 13.25 -3.49
C ASP D 48 -6.20 13.13 -3.78
N LYS D 49 -7.02 14.09 -3.27
CA LYS D 49 -8.44 14.09 -3.48
C LYS D 49 -8.85 14.03 -4.94
N ASP D 50 -8.17 14.81 -5.78
CA ASP D 50 -8.46 14.86 -7.19
C ASP D 50 -8.38 13.43 -7.80
N GLU D 51 -7.35 12.68 -7.42
CA GLU D 51 -7.21 11.31 -7.97
C GLU D 51 -8.31 10.38 -7.40
N LEU D 52 -8.60 10.49 -6.10
CA LEU D 52 -9.67 9.78 -5.47
C LEU D 52 -11.02 9.98 -6.19
N ILE D 53 -11.39 11.23 -6.39
CA ILE D 53 -12.68 11.57 -7.00
C ILE D 53 -12.75 11.05 -8.44
N HIS D 54 -11.69 11.26 -9.24
CA HIS D 54 -11.71 10.78 -10.60
C HIS D 54 -11.76 9.24 -10.69
N THR D 55 -11.16 8.54 -9.74
CA THR D 55 -11.26 7.08 -9.69
C THR D 55 -12.66 6.66 -9.33
N GLN D 56 -13.23 7.29 -8.31
CA GLN D 56 -14.56 6.99 -7.86
C GLN D 56 -15.59 7.18 -8.95
N ASN D 57 -15.35 8.21 -9.79
CA ASN D 57 -16.27 8.50 -10.87
C ASN D 57 -16.27 7.41 -11.99
N LEU D 58 -15.31 6.48 -12.01
CA LEU D 58 -15.30 5.36 -12.88
C LEU D 58 -16.13 4.16 -12.33
N ILE D 59 -16.61 4.26 -11.10
CA ILE D 59 -17.40 3.19 -10.50
C ILE D 59 -18.83 3.50 -10.86
N ARG D 60 -19.44 2.57 -11.60
CA ARG D 60 -20.76 2.81 -12.21
C ARG D 60 -21.91 2.72 -11.23
N ASP D 61 -21.80 1.85 -10.23
CA ASP D 61 -22.91 1.66 -9.31
C ASP D 61 -22.45 1.93 -7.89
N LYS D 62 -23.41 2.34 -7.09
CA LYS D 62 -23.20 2.57 -5.66
C LYS D 62 -23.17 1.23 -4.93
N ALA D 63 -22.60 1.27 -3.74
CA ALA D 63 -22.52 0.11 -2.84
C ALA D 63 -21.73 -1.05 -3.44
N ILE D 64 -20.68 -0.73 -4.20
CA ILE D 64 -19.73 -1.71 -4.67
C ILE D 64 -18.43 -1.18 -4.16
N LEU D 65 -17.77 -1.95 -3.28
CA LEU D 65 -16.60 -1.50 -2.55
C LEU D 65 -15.33 -2.17 -3.12
N PHE D 66 -14.20 -1.43 -3.17
CA PHE D 66 -12.97 -1.89 -3.82
C PHE D 66 -11.79 -1.70 -2.90
N TRP D 67 -11.05 -2.78 -2.58
CA TRP D 67 -9.81 -2.60 -1.87
C TRP D 67 -8.78 -1.75 -2.62
N ILE D 68 -8.04 -0.92 -1.87
CA ILE D 68 -6.85 -0.23 -2.36
C ILE D 68 -5.65 -0.62 -1.54
N GLY D 69 -4.48 -0.13 -1.89
CA GLY D 69 -3.25 -0.62 -1.32
C GLY D 69 -2.86 0.05 0.00
N LEU D 70 -3.78 0.07 0.93
CA LEU D 70 -3.63 0.77 2.22
C LEU D 70 -4.20 -0.13 3.33
N ASN D 71 -3.35 -0.50 4.31
CA ASN D 71 -3.87 -1.18 5.45
C ASN D 71 -3.32 -0.65 6.82
N PHE D 72 -3.88 -1.13 7.91
CA PHE D 72 -3.51 -0.62 9.24
C PHE D 72 -2.29 -1.37 9.69
N SER D 73 -1.20 -0.67 9.94
CA SER D 73 0.02 -1.29 10.51
C SER D 73 -0.14 -1.59 12.01
N LEU D 74 -0.06 -2.88 12.35
CA LEU D 74 -0.08 -3.33 13.77
C LEU D 74 0.96 -2.61 14.69
N SER D 75 2.18 -2.47 14.22
CA SER D 75 3.22 -1.80 14.99
C SER D 75 3.02 -0.32 15.10
N GLU D 76 2.83 0.35 13.94
CA GLU D 76 2.91 1.80 13.94
CA GLU D 76 2.85 1.83 13.87
C GLU D 76 1.57 2.41 14.28
N LYS D 77 0.49 1.61 14.22
CA LYS D 77 -0.80 2.12 14.49
C LYS D 77 -1.15 3.29 13.56
N ASN D 78 -0.81 3.13 12.27
CA ASN D 78 -1.29 4.08 11.27
C ASN D 78 -1.51 3.33 9.99
N TRP D 79 -2.29 3.95 9.13
CA TRP D 79 -2.46 3.42 7.76
C TRP D 79 -1.14 3.48 7.00
N LYS D 80 -0.79 2.41 6.29
CA LYS D 80 0.43 2.28 5.59
C LYS D 80 0.13 1.85 4.16
N TRP D 81 0.74 2.54 3.19
CA TRP D 81 0.67 2.17 1.79
C TRP D 81 1.50 0.91 1.55
N ILE D 82 1.13 0.08 0.56
CA ILE D 82 1.96 -1.07 0.30
C ILE D 82 3.35 -0.72 -0.18
N ASN D 83 3.57 0.49 -0.67
CA ASN D 83 4.91 0.92 -0.98
C ASN D 83 5.81 1.21 0.24
N GLY D 84 5.31 1.02 1.47
CA GLY D 84 6.01 1.22 2.69
C GLY D 84 5.79 2.58 3.41
N SER D 85 5.29 3.58 2.68
CA SER D 85 5.06 4.93 3.25
C SER D 85 3.81 4.98 4.09
N PHE D 86 3.80 5.83 5.15
CA PHE D 86 2.61 6.03 5.94
C PHE D 86 1.71 7.10 5.31
N LEU D 87 0.41 6.97 5.58
CA LEU D 87 -0.58 7.94 5.13
C LEU D 87 -0.32 9.26 5.86
N ASN D 88 -0.09 10.35 5.14
CA ASN D 88 0.48 11.59 5.73
C ASN D 88 -0.47 12.77 5.61
N SER D 89 -1.74 12.48 5.33
CA SER D 89 -2.76 13.54 5.27
C SER D 89 -4.12 12.96 5.45
N ASN D 90 -5.09 13.88 5.48
CA ASN D 90 -6.48 13.47 5.67
C ASN D 90 -7.25 13.63 4.38
N ASP D 91 -6.57 13.61 3.26
CA ASP D 91 -7.23 13.69 1.95
C ASP D 91 -8.25 12.58 1.60
N LEU D 92 -8.08 11.38 2.17
CA LEU D 92 -9.05 10.31 1.91
C LEU D 92 -10.28 10.40 2.77
N GLU D 93 -10.21 11.12 3.90
CA GLU D 93 -11.33 11.23 4.86
C GLU D 93 -11.91 9.83 5.20
N ILE D 94 -11.03 8.94 5.65
CA ILE D 94 -11.42 7.57 5.95
C ILE D 94 -12.49 7.49 7.00
N ARG D 95 -13.54 6.75 6.72
CA ARG D 95 -14.61 6.49 7.65
C ARG D 95 -14.42 5.17 8.32
N GLY D 96 -14.53 5.13 9.64
CA GLY D 96 -14.44 3.91 10.41
C GLY D 96 -13.21 3.77 11.26
N ASP D 97 -12.95 2.53 11.71
CA ASP D 97 -12.05 2.26 12.82
C ASP D 97 -10.63 2.11 12.34
N ALA D 98 -9.73 2.87 12.95
CA ALA D 98 -8.33 2.69 12.77
C ALA D 98 -7.87 1.62 13.75
N LYS D 99 -7.92 0.38 13.32
CA LYS D 99 -7.67 -0.74 14.25
C LYS D 99 -7.17 -1.96 13.55
N GLU D 100 -6.74 -2.91 14.39
CA GLU D 100 -6.06 -4.12 13.92
C GLU D 100 -6.91 -4.86 12.93
N ASN D 101 -6.23 -5.36 11.92
CA ASN D 101 -6.80 -6.19 10.90
C ASN D 101 -7.88 -5.45 10.05
N SER D 102 -7.71 -4.17 9.92
CA SER D 102 -8.53 -3.30 9.06
C SER D 102 -7.68 -2.82 7.84
N CYS D 103 -8.38 -2.60 6.72
CA CYS D 103 -7.81 -2.27 5.45
C CYS D 103 -8.74 -1.25 4.79
N ILE D 104 -8.27 -0.52 3.81
CA ILE D 104 -9.06 0.56 3.18
C ILE D 104 -9.68 0.16 1.88
N SER D 105 -10.96 0.51 1.73
CA SER D 105 -11.73 0.34 0.50
C SER D 105 -12.36 1.65 0.08
N ILE D 106 -12.71 1.74 -1.20
CA ILE D 106 -13.47 2.89 -1.73
C ILE D 106 -14.74 2.40 -2.41
N SER D 107 -15.79 3.23 -2.34
CA SER D 107 -16.98 3.07 -3.07
C SER D 107 -17.11 4.28 -4.01
N GLN D 108 -18.22 4.34 -4.76
CA GLN D 108 -18.50 5.48 -5.61
C GLN D 108 -18.44 6.82 -4.84
N THR D 109 -18.89 6.83 -3.59
CA THR D 109 -19.02 8.03 -2.81
C THR D 109 -18.14 8.14 -1.55
N SER D 110 -17.55 7.04 -1.07
CA SER D 110 -16.91 7.07 0.25
C SER D 110 -15.62 6.28 0.31
N VAL D 111 -14.96 6.40 1.46
CA VAL D 111 -13.68 5.69 1.76
C VAL D 111 -13.90 5.06 3.12
N TYR D 112 -13.74 3.74 3.22
CA TYR D 112 -14.04 3.01 4.42
C TYR D 112 -12.91 2.15 4.94
N SER D 113 -12.77 2.14 6.27
CA SER D 113 -12.07 1.07 6.99
C SER D 113 -12.97 -0.15 7.09
N GLU D 114 -12.50 -1.30 6.61
CA GLU D 114 -13.17 -2.56 6.68
C GLU D 114 -12.22 -3.66 7.16
N TYR D 115 -12.74 -4.74 7.72
CA TYR D 115 -11.86 -5.88 8.05
C TYR D 115 -11.22 -6.45 6.84
N CYS D 116 -9.92 -6.70 6.94
CA CYS D 116 -9.17 -7.21 5.81
C CYS D 116 -9.69 -8.56 5.30
N SER D 117 -10.36 -9.35 6.15
CA SER D 117 -10.94 -10.62 5.73
C SER D 117 -12.22 -10.47 4.97
N THR D 118 -12.82 -9.27 4.93
CA THR D 118 -14.09 -9.12 4.15
C THR D 118 -13.81 -9.27 2.65
N GLU D 119 -14.72 -9.96 1.94
CA GLU D 119 -14.53 -10.22 0.55
C GLU D 119 -15.25 -9.21 -0.32
N ILE D 120 -14.49 -8.27 -0.90
CA ILE D 120 -15.05 -7.22 -1.77
C ILE D 120 -14.18 -7.15 -3.01
N ARG D 121 -14.49 -6.25 -3.92
CA ARG D 121 -13.72 -6.11 -5.09
C ARG D 121 -12.37 -5.42 -4.79
N TRP D 122 -11.55 -5.24 -5.79
CA TRP D 122 -10.26 -4.59 -5.65
C TRP D 122 -9.79 -3.93 -6.93
N ILE D 123 -8.83 -2.99 -6.77
CA ILE D 123 -8.28 -2.23 -7.91
C ILE D 123 -6.80 -2.36 -7.96
N CYS D 124 -6.27 -2.77 -9.12
CA CYS D 124 -4.87 -2.78 -9.41
C CYS D 124 -4.47 -1.63 -10.34
N GLN D 125 -3.20 -1.26 -10.26
CA GLN D 125 -2.63 -0.19 -11.10
C GLN D 125 -1.27 -0.55 -11.65
N LYS D 126 -1.01 -0.01 -12.84
CA LYS D 126 0.32 0.05 -13.49
C LYS D 126 0.56 1.52 -13.96
N GLU D 127 1.74 2.05 -13.70
CA GLU D 127 2.07 3.46 -14.06
C GLU D 127 2.53 3.55 -15.48
N LEU D 128 1.99 4.50 -16.24
CA LEU D 128 2.56 4.80 -17.53
C LEU D 128 3.82 5.64 -17.35
N THR D 129 4.77 5.50 -18.27
CA THR D 129 6.01 6.30 -18.17
C THR D 129 6.08 7.26 -19.35
N GLY E 4 19.80 10.82 33.43
CA GLY E 4 18.46 11.43 33.50
C GLY E 4 17.31 10.42 33.40
N LEU E 5 16.13 10.95 33.21
CA LEU E 5 14.90 10.15 33.22
C LEU E 5 14.75 9.20 32.01
N LEU E 6 14.97 9.76 30.84
CA LEU E 6 14.88 9.09 29.55
C LEU E 6 16.22 8.79 28.95
N ASN E 7 16.21 7.87 28.02
CA ASN E 7 17.43 7.43 27.32
C ASN E 7 18.10 8.55 26.55
N CYS E 8 17.33 9.44 25.97
CA CYS E 8 17.88 10.53 25.16
C CYS E 8 17.82 11.79 25.99
N PRO E 9 18.82 12.65 25.85
CA PRO E 9 18.83 13.95 26.50
C PRO E 9 17.76 14.91 26.03
N ILE E 10 17.57 15.96 26.84
CA ILE E 10 16.60 16.98 26.53
C ILE E 10 16.76 17.61 25.12
N TYR E 11 15.62 17.78 24.45
CA TYR E 11 15.51 18.19 23.01
C TYR E 11 15.82 17.13 21.98
N TRP E 12 16.34 15.97 22.36
CA TRP E 12 16.58 14.93 21.40
C TRP E 12 15.39 13.96 21.42
N GLN E 13 15.18 13.26 20.32
CA GLN E 13 14.07 12.34 20.14
C GLN E 13 14.59 10.95 19.98
N GLN E 14 14.11 9.98 20.75
CA GLN E 14 14.52 8.58 20.55
C GLN E 14 13.82 7.94 19.34
N LEU E 15 14.57 7.19 18.54
CA LEU E 15 13.98 6.38 17.52
C LEU E 15 14.70 5.09 17.46
N ARG E 16 14.02 3.99 17.82
CA ARG E 16 14.63 2.63 17.82
C ARG E 16 15.80 2.76 18.84
N GLU E 17 17.05 2.51 18.46
CA GLU E 17 18.13 2.64 19.42
C GLU E 17 19.04 3.85 19.09
N LYS E 18 18.45 4.91 18.54
CA LYS E 18 19.17 6.17 18.33
C LYS E 18 18.47 7.29 19.05
N CYS E 19 19.26 8.30 19.42
CA CYS E 19 18.80 9.59 19.78
C CYS E 19 19.08 10.53 18.59
N LEU E 20 18.06 11.27 18.19
CA LEU E 20 18.13 12.23 17.08
C LEU E 20 17.87 13.69 17.49
N LEU E 21 18.61 14.60 16.86
CA LEU E 21 18.42 16.04 17.00
C LEU E 21 18.20 16.70 15.67
N PHE E 22 17.02 17.30 15.51
CA PHE E 22 16.69 18.05 14.29
C PHE E 22 17.00 19.50 14.54
N SER E 23 17.87 20.10 13.75
CA SER E 23 18.25 21.46 13.97
C SER E 23 17.11 22.44 13.74
N HIS E 24 17.22 23.61 14.35
CA HIS E 24 16.25 24.65 14.04
C HIS E 24 16.82 25.79 13.23
N THR E 25 18.12 25.78 12.98
CA THR E 25 18.74 26.76 12.16
C THR E 25 19.36 26.07 10.96
N VAL E 26 19.93 26.85 10.06
CA VAL E 26 20.43 26.29 8.82
C VAL E 26 21.94 26.44 8.75
N ASN E 27 22.57 25.63 7.92
CA ASN E 27 24.03 25.65 7.70
C ASN E 27 24.37 24.94 6.34
N PRO E 28 25.50 25.29 5.75
CA PRO E 28 26.08 24.38 4.77
C PRO E 28 26.41 23.02 5.41
N TRP E 29 26.65 22.06 4.57
CA TRP E 29 26.90 20.70 5.03
C TRP E 29 28.15 20.59 5.95
N ASN E 30 29.25 21.26 5.60
CA ASN E 30 30.51 21.24 6.40
CA ASN E 30 30.47 21.14 6.43
C ASN E 30 30.27 21.72 7.84
N ASN E 31 29.57 22.84 7.96
CA ASN E 31 29.24 23.43 9.24
CA ASN E 31 29.23 23.41 9.25
C ASN E 31 28.26 22.55 10.05
N SER E 32 27.38 21.83 9.38
CA SER E 32 26.40 20.92 10.04
C SER E 32 27.20 19.74 10.64
N LEU E 33 28.17 19.20 9.88
CA LEU E 33 29.06 18.21 10.41
C LEU E 33 29.83 18.74 11.64
N ALA E 34 30.38 19.95 11.55
CA ALA E 34 30.99 20.60 12.74
C ALA E 34 30.09 20.71 13.99
N ASP E 35 28.82 21.03 13.78
CA ASP E 35 27.87 21.14 14.90
C ASP E 35 27.64 19.74 15.52
N CYS E 36 27.44 18.68 14.70
CA CYS E 36 27.25 17.38 15.26
C CYS E 36 28.48 16.96 16.06
N SER E 37 29.68 17.18 15.49
CA SER E 37 30.92 16.89 16.20
C SER E 37 31.02 17.64 17.54
N THR E 38 30.70 18.92 17.53
CA THR E 38 30.63 19.71 18.74
C THR E 38 29.73 19.12 19.79
N LYS E 39 28.58 18.59 19.37
CA LYS E 39 27.60 17.90 20.21
C LYS E 39 27.89 16.44 20.47
N GLU E 40 29.13 15.97 20.14
CA GLU E 40 29.59 14.61 20.34
C GLU E 40 28.59 13.62 19.69
N SER E 41 28.38 13.86 18.43
CA SER E 41 27.40 13.08 17.68
C SER E 41 27.79 13.01 16.21
N SER E 42 27.13 12.11 15.48
CA SER E 42 27.31 11.95 14.06
C SER E 42 26.20 12.66 13.28
N LEU E 43 26.50 13.12 12.06
CA LEU E 43 25.39 13.41 11.09
C LEU E 43 24.61 12.11 10.86
N LEU E 44 23.30 12.23 10.62
CA LEU E 44 22.46 11.04 10.52
C LEU E 44 22.99 10.05 9.50
N LEU E 45 23.00 8.80 9.91
CA LEU E 45 23.32 7.66 9.03
C LEU E 45 22.02 6.88 8.86
N ILE E 46 21.77 6.37 7.66
CA ILE E 46 20.51 5.66 7.34
C ILE E 46 20.83 4.31 6.72
N ARG E 47 20.50 3.25 7.46
CA ARG E 47 20.86 1.89 7.13
C ARG E 47 20.02 1.34 6.00
N ASP E 48 18.72 1.62 6.01
CA ASP E 48 17.86 1.05 4.95
C ASP E 48 16.59 1.86 4.80
N LYS E 49 15.79 1.51 3.82
CA LYS E 49 14.49 2.13 3.62
C LYS E 49 13.64 2.17 4.86
N ASP E 50 13.64 1.11 5.67
CA ASP E 50 12.89 1.10 6.87
C ASP E 50 13.23 2.25 7.86
N GLU E 51 14.54 2.43 8.06
CA GLU E 51 14.99 3.48 8.90
C GLU E 51 14.64 4.87 8.29
N LEU E 52 14.82 5.03 6.99
CA LEU E 52 14.45 6.28 6.30
C LEU E 52 13.02 6.63 6.62
N ILE E 53 12.12 5.68 6.41
CA ILE E 53 10.66 5.91 6.61
C ILE E 53 10.30 6.26 8.04
N HIS E 54 10.83 5.53 8.99
CA HIS E 54 10.57 5.81 10.37
C HIS E 54 11.19 7.11 10.83
N THR E 55 12.28 7.54 10.23
CA THR E 55 12.81 8.89 10.60
C THR E 55 11.92 9.99 10.01
N GLN E 56 11.53 9.82 8.75
CA GLN E 56 10.64 10.74 8.07
C GLN E 56 9.31 10.87 8.82
N ASN E 57 8.88 9.80 9.49
CA ASN E 57 7.63 9.79 10.22
CA ASN E 57 7.64 9.80 10.26
C ASN E 57 7.62 10.70 11.46
N LEU E 58 8.78 11.24 11.84
CA LEU E 58 8.92 12.21 12.90
C LEU E 58 8.73 13.63 12.43
N ILE E 59 8.79 13.86 11.10
CA ILE E 59 8.84 15.22 10.52
C ILE E 59 7.43 15.68 10.12
N ARG E 60 7.00 16.83 10.62
CA ARG E 60 5.69 17.39 10.28
C ARG E 60 5.73 18.19 8.97
N ASP E 61 6.67 19.10 8.87
CA ASP E 61 6.76 19.95 7.65
C ASP E 61 7.12 19.09 6.45
N LYS E 62 6.31 19.14 5.38
CA LYS E 62 6.51 18.20 4.28
C LYS E 62 7.63 18.52 3.32
N ALA E 63 8.19 19.72 3.39
CA ALA E 63 9.14 20.14 2.39
C ALA E 63 10.53 20.56 2.95
N ILE E 64 10.63 20.87 4.22
CA ILE E 64 11.88 21.31 4.79
C ILE E 64 12.95 20.19 4.64
N LEU E 65 14.17 20.59 4.26
CA LEU E 65 15.30 19.67 4.07
C LEU E 65 16.26 19.60 5.27
N PHE E 66 16.86 18.40 5.45
CA PHE E 66 17.83 18.14 6.49
C PHE E 66 19.00 17.43 5.90
N TRP E 67 20.19 17.98 6.10
CA TRP E 67 21.35 17.23 5.78
C TRP E 67 21.51 15.95 6.58
N ILE E 68 22.08 14.95 5.93
CA ILE E 68 22.48 13.73 6.54
C ILE E 68 23.98 13.46 6.29
N GLY E 69 24.52 12.40 6.89
CA GLY E 69 25.95 12.10 6.82
C GLY E 69 26.48 11.44 5.55
N LEU E 70 26.16 11.99 4.40
CA LEU E 70 26.37 11.34 3.16
C LEU E 70 26.74 12.37 2.13
N ASN E 71 27.89 12.17 1.46
CA ASN E 71 28.25 13.11 0.41
C ASN E 71 29.01 12.45 -0.75
N PHE E 72 29.34 13.24 -1.74
CA PHE E 72 29.92 12.63 -2.97
C PHE E 72 31.43 12.55 -2.88
N SER E 73 31.95 11.35 -3.02
CA SER E 73 33.40 11.17 -3.14
C SER E 73 33.86 11.21 -4.63
N LEU E 74 34.53 12.28 -5.02
CA LEU E 74 35.10 12.38 -6.41
C LEU E 74 35.98 11.15 -6.77
N SER E 75 36.78 10.66 -5.83
CA SER E 75 37.69 9.52 -6.09
C SER E 75 37.04 8.11 -6.30
N GLU E 76 35.89 7.81 -5.70
CA GLU E 76 35.20 6.55 -6.03
C GLU E 76 34.08 6.83 -7.00
N LYS E 77 33.87 8.10 -7.31
CA LYS E 77 32.73 8.51 -8.12
C LYS E 77 31.45 7.90 -7.54
N ASN E 78 31.30 8.00 -6.22
CA ASN E 78 30.13 7.48 -5.57
C ASN E 78 29.87 8.19 -4.23
N TRP E 79 28.64 8.03 -3.76
CA TRP E 79 28.22 8.55 -2.47
C TRP E 79 28.92 7.77 -1.34
N LYS E 80 29.39 8.53 -0.34
CA LYS E 80 30.10 7.92 0.78
C LYS E 80 29.61 8.49 2.14
N TRP E 81 29.36 7.60 3.08
CA TRP E 81 28.93 7.92 4.42
C TRP E 81 30.12 8.47 5.19
N ILE E 82 29.86 9.32 6.19
CA ILE E 82 30.98 9.93 6.91
C ILE E 82 31.71 8.86 7.75
N ASN E 83 31.08 7.71 8.00
CA ASN E 83 31.76 6.58 8.64
C ASN E 83 32.77 5.80 7.76
N GLY E 84 32.99 6.22 6.53
CA GLY E 84 33.96 5.56 5.62
C GLY E 84 33.34 4.61 4.61
N SER E 85 32.10 4.18 4.82
CA SER E 85 31.51 3.19 3.95
C SER E 85 30.86 3.86 2.74
N PHE E 86 31.05 3.27 1.55
CA PHE E 86 30.31 3.70 0.36
C PHE E 86 28.83 3.29 0.42
N LEU E 87 27.96 4.10 -0.18
CA LEU E 87 26.57 3.80 -0.25
C LEU E 87 26.40 2.49 -1.04
N ASN E 88 25.71 1.54 -0.44
CA ASN E 88 25.66 0.18 -1.03
C ASN E 88 24.41 -0.14 -1.85
N SER E 89 23.47 0.78 -2.04
CA SER E 89 22.21 0.43 -2.71
C SER E 89 21.55 1.67 -3.25
N ASN E 90 20.47 1.40 -3.96
CA ASN E 90 19.56 2.42 -4.37
C ASN E 90 18.37 2.61 -3.43
N ASP E 91 18.39 2.05 -2.20
CA ASP E 91 17.26 2.21 -1.25
CA ASP E 91 17.30 2.22 -1.21
C ASP E 91 16.79 3.67 -0.99
N LEU E 92 17.70 4.61 -1.04
CA LEU E 92 17.36 6.01 -0.72
C LEU E 92 16.68 6.73 -1.89
N GLU E 93 16.85 6.21 -3.11
CA GLU E 93 16.33 6.80 -4.35
C GLU E 93 16.64 8.28 -4.45
N ILE E 94 17.93 8.56 -4.37
CA ILE E 94 18.45 9.90 -4.44
C ILE E 94 18.02 10.60 -5.74
N ARG E 95 17.49 11.81 -5.59
CA ARG E 95 17.10 12.66 -6.71
C ARG E 95 18.16 13.76 -6.95
N GLY E 96 18.60 13.86 -8.21
CA GLY E 96 19.58 14.84 -8.60
C GLY E 96 20.96 14.30 -8.92
N ASP E 97 21.87 15.22 -9.21
CA ASP E 97 23.19 14.87 -9.70
C ASP E 97 24.12 14.32 -8.66
N ALA E 98 24.79 13.23 -9.04
CA ALA E 98 25.93 12.69 -8.35
C ALA E 98 27.19 13.34 -8.90
N LYS E 99 27.64 14.43 -8.28
CA LYS E 99 28.84 15.12 -8.72
C LYS E 99 29.58 15.88 -7.61
N GLU E 100 30.74 16.42 -7.98
CA GLU E 100 31.58 17.12 -7.03
C GLU E 100 30.80 18.18 -6.27
N ASN E 101 31.11 18.30 -4.98
CA ASN E 101 30.51 19.27 -4.09
C ASN E 101 29.00 19.18 -3.92
N SER E 102 28.47 17.97 -4.09
CA SER E 102 27.09 17.60 -3.73
C SER E 102 27.06 16.72 -2.43
N CYS E 103 26.00 16.90 -1.67
CA CYS E 103 25.76 16.28 -0.40
C CYS E 103 24.29 15.87 -0.36
N ILE E 104 23.95 14.96 0.53
CA ILE E 104 22.59 14.40 0.56
C ILE E 104 21.76 15.04 1.70
N SER E 105 20.51 15.40 1.38
CA SER E 105 19.50 15.84 2.34
C SER E 105 18.25 14.99 2.21
N ILE E 106 17.44 15.02 3.25
CA ILE E 106 16.14 14.36 3.23
C ILE E 106 15.03 15.33 3.54
N SER E 107 13.85 15.05 2.99
CA SER E 107 12.62 15.67 3.39
C SER E 107 11.74 14.58 3.97
N GLN E 108 10.54 14.95 4.39
CA GLN E 108 9.57 13.98 4.89
C GLN E 108 9.27 12.90 3.80
N THR E 109 9.39 13.25 2.54
CA THR E 109 8.93 12.33 1.49
C THR E 109 10.02 11.89 0.55
N SER E 110 11.17 12.56 0.52
CA SER E 110 12.14 12.33 -0.56
C SER E 110 13.57 12.52 -0.08
N VAL E 111 14.52 12.11 -0.94
CA VAL E 111 15.93 12.26 -0.70
C VAL E 111 16.52 13.00 -1.89
N TYR E 112 17.33 14.03 -1.58
CA TYR E 112 17.88 14.94 -2.59
C TYR E 112 19.36 15.16 -2.54
N SER E 113 19.96 15.21 -3.73
CA SER E 113 21.31 15.73 -3.89
C SER E 113 21.26 17.19 -3.98
N GLU E 114 22.08 17.87 -3.21
CA GLU E 114 22.12 19.31 -3.24
C GLU E 114 23.57 19.75 -3.12
N TYR E 115 23.84 20.96 -3.57
CA TYR E 115 25.19 21.49 -3.43
C TYR E 115 25.51 21.66 -1.95
N CYS E 116 26.71 21.28 -1.56
CA CYS E 116 27.13 21.24 -0.15
C CYS E 116 27.07 22.64 0.49
N SER E 117 27.19 23.71 -0.29
CA SER E 117 27.03 25.08 0.21
C SER E 117 25.62 25.53 0.51
N THR E 118 24.61 24.78 0.09
CA THR E 118 23.21 25.10 0.39
C THR E 118 22.98 25.14 1.88
N GLU E 119 22.28 26.17 2.35
CA GLU E 119 22.05 26.39 3.72
C GLU E 119 20.68 25.77 4.12
N ILE E 120 20.73 24.59 4.74
CA ILE E 120 19.54 23.94 5.24
C ILE E 120 19.78 23.37 6.65
N ARG E 121 18.73 22.79 7.20
CA ARG E 121 18.78 22.13 8.50
C ARG E 121 19.55 20.84 8.41
N TRP E 122 19.78 20.20 9.56
CA TRP E 122 20.53 18.97 9.62
C TRP E 122 20.06 18.13 10.82
N ILE E 123 20.41 16.86 10.76
CA ILE E 123 20.06 15.87 11.76
C ILE E 123 21.34 15.24 12.32
N CYS E 124 21.51 15.34 13.64
CA CYS E 124 22.56 14.58 14.35
C CYS E 124 21.99 13.35 15.04
N GLN E 125 22.87 12.35 15.27
CA GLN E 125 22.50 11.14 15.96
C GLN E 125 23.53 10.74 17.03
N LYS E 126 23.01 10.07 18.04
CA LYS E 126 23.80 9.34 19.06
C LYS E 126 23.23 7.94 19.21
N GLU E 127 24.10 6.95 19.17
CA GLU E 127 23.68 5.57 19.30
C GLU E 127 23.46 5.15 20.75
N LEU E 128 22.38 4.45 21.02
CA LEU E 128 22.17 3.95 22.38
C LEU E 128 22.80 2.56 22.43
N THR E 129 23.53 2.28 23.49
CA THR E 129 24.30 1.02 23.65
C THR E 129 23.63 0.06 24.65
N LEU F 5 28.99 10.86 30.49
CA LEU F 5 30.14 9.89 30.46
C LEU F 5 30.90 9.97 31.81
N LEU F 6 31.33 8.80 32.33
CA LEU F 6 31.88 8.68 33.70
C LEU F 6 33.35 8.19 33.82
N ASN F 7 33.77 7.20 33.02
CA ASN F 7 35.22 6.93 32.75
C ASN F 7 35.43 7.07 31.25
N CYS F 8 36.65 6.83 30.75
CA CYS F 8 36.94 6.92 29.32
C CYS F 8 36.89 5.55 28.65
N PRO F 9 36.33 5.46 27.43
CA PRO F 9 36.38 4.22 26.63
C PRO F 9 37.80 3.73 26.44
N ILE F 10 37.95 2.42 26.23
CA ILE F 10 39.29 1.88 26.02
C ILE F 10 40.01 2.48 24.81
N TYR F 11 41.32 2.65 24.97
CA TYR F 11 42.19 3.41 24.06
C TYR F 11 42.15 4.93 24.27
N TRP F 12 41.14 5.47 24.93
CA TRP F 12 41.02 6.93 25.20
C TRP F 12 41.75 7.22 26.52
N GLN F 13 42.35 8.39 26.59
CA GLN F 13 43.17 8.80 27.74
C GLN F 13 42.40 9.84 28.46
N GLN F 14 42.30 9.70 29.78
CA GLN F 14 41.68 10.78 30.55
C GLN F 14 42.69 11.90 30.83
N LEU F 15 42.25 13.16 30.66
CA LEU F 15 42.99 14.30 31.09
C LEU F 15 42.02 15.28 31.75
N ARG F 16 42.15 15.49 33.07
CA ARG F 16 41.20 16.36 33.84
C ARG F 16 39.79 15.78 33.55
N GLU F 17 38.90 16.56 32.98
CA GLU F 17 37.49 16.10 32.73
C GLU F 17 37.20 15.83 31.23
N LYS F 18 38.23 15.46 30.47
CA LYS F 18 38.06 15.04 29.07
C LYS F 18 38.69 13.71 28.88
N CYS F 19 38.13 12.98 27.93
CA CYS F 19 38.74 11.83 27.30
C CYS F 19 39.28 12.21 25.92
N LEU F 20 40.53 11.81 25.61
CA LEU F 20 41.22 12.19 24.39
C LEU F 20 41.62 10.94 23.60
N LEU F 21 41.44 10.98 22.29
CA LEU F 21 41.89 9.90 21.44
C LEU F 21 42.88 10.47 20.44
N PHE F 22 44.15 10.04 20.55
CA PHE F 22 45.22 10.48 19.65
C PHE F 22 45.28 9.45 18.55
N SER F 23 45.04 9.85 17.31
CA SER F 23 45.03 8.88 16.21
C SER F 23 46.45 8.26 15.96
N HIS F 24 46.46 7.06 15.37
CA HIS F 24 47.70 6.40 14.89
C HIS F 24 47.86 6.48 13.40
N THR F 25 46.82 6.88 12.66
CA THR F 25 46.91 7.07 11.20
C THR F 25 46.66 8.55 10.86
N VAL F 26 46.72 8.89 9.59
CA VAL F 26 46.65 10.24 9.11
C VAL F 26 45.39 10.51 8.25
N ASN F 27 45.07 11.76 8.08
CA ASN F 27 43.88 12.26 7.37
C ASN F 27 44.01 13.76 7.12
N PRO F 28 43.42 14.26 6.04
CA PRO F 28 43.17 15.66 5.93
C PRO F 28 42.18 16.10 7.04
N TRP F 29 42.04 17.39 7.18
CA TRP F 29 41.29 17.93 8.31
C TRP F 29 39.83 17.53 8.23
N ASN F 30 39.24 17.65 7.06
CA ASN F 30 37.80 17.34 6.95
CA ASN F 30 37.79 17.32 6.88
C ASN F 30 37.51 15.86 7.26
N ASN F 31 38.38 14.93 6.87
CA ASN F 31 38.18 13.53 7.19
CA ASN F 31 38.19 13.54 7.19
C ASN F 31 38.41 13.27 8.67
N SER F 32 39.32 14.04 9.32
CA SER F 32 39.53 13.94 10.76
C SER F 32 38.23 14.36 11.55
N LEU F 33 37.63 15.45 11.13
CA LEU F 33 36.38 15.93 11.66
C LEU F 33 35.29 14.81 11.52
N ALA F 34 35.24 14.21 10.33
CA ALA F 34 34.31 13.08 10.08
C ALA F 34 34.55 11.88 10.95
N ASP F 35 35.80 11.58 11.24
CA ASP F 35 36.15 10.52 12.15
C ASP F 35 35.74 10.83 13.58
N CYS F 36 35.97 12.05 14.07
CA CYS F 36 35.57 12.38 15.43
C CYS F 36 34.01 12.30 15.52
N SER F 37 33.36 12.84 14.50
CA SER F 37 31.86 12.79 14.45
C SER F 37 31.36 11.32 14.47
N THR F 38 31.96 10.47 13.66
CA THR F 38 31.65 9.06 13.66
C THR F 38 31.82 8.41 15.05
N LYS F 39 32.83 8.83 15.77
CA LYS F 39 33.11 8.30 17.10
C LYS F 39 32.28 9.06 18.18
N GLU F 40 31.30 9.86 17.76
CA GLU F 40 30.49 10.69 18.64
C GLU F 40 31.35 11.53 19.56
N SER F 41 32.16 12.36 18.93
CA SER F 41 33.22 13.13 19.66
C SER F 41 33.55 14.39 18.86
N SER F 42 34.21 15.35 19.50
N SER F 42 34.28 15.30 19.49
CA SER F 42 34.59 16.57 18.84
CA SER F 42 34.60 16.57 18.91
C SER F 42 36.08 16.50 18.50
C SER F 42 36.10 16.53 18.53
N LEU F 43 36.49 17.17 17.43
CA LEU F 43 37.93 17.51 17.25
C LEU F 43 38.31 18.39 18.45
N LEU F 44 39.53 18.24 18.92
CA LEU F 44 39.99 18.91 20.15
C LEU F 44 39.70 20.39 20.18
N LEU F 45 39.07 20.83 21.28
CA LEU F 45 38.82 22.25 21.56
C LEU F 45 39.67 22.60 22.80
N ILE F 46 40.46 23.67 22.74
CA ILE F 46 41.33 24.05 23.85
C ILE F 46 40.71 25.22 24.59
N ARG F 47 40.29 25.01 25.82
CA ARG F 47 39.61 26.06 26.65
C ARG F 47 40.48 27.13 27.26
N ASP F 48 41.76 26.83 27.50
CA ASP F 48 42.76 27.73 28.13
C ASP F 48 44.23 27.24 27.89
N LYS F 49 45.22 28.08 28.21
CA LYS F 49 46.62 27.76 27.98
C LYS F 49 47.03 26.55 28.79
N ASP F 50 46.56 26.46 30.04
CA ASP F 50 46.89 25.35 30.91
C ASP F 50 46.44 24.05 30.24
N GLU F 51 45.25 24.05 29.66
CA GLU F 51 44.81 22.85 28.92
C GLU F 51 45.75 22.46 27.76
N LEU F 52 46.20 23.42 26.97
CA LEU F 52 47.12 23.12 25.86
C LEU F 52 48.40 22.52 26.42
N ILE F 53 48.94 23.17 27.46
CA ILE F 53 50.19 22.63 28.10
C ILE F 53 50.05 21.19 28.52
N HIS F 54 48.96 20.88 29.21
CA HIS F 54 48.76 19.55 29.73
C HIS F 54 48.48 18.51 28.64
N THR F 55 47.82 18.93 27.58
CA THR F 55 47.58 18.07 26.40
C THR F 55 48.89 17.76 25.67
N GLN F 56 49.69 18.77 25.48
CA GLN F 56 51.03 18.64 24.82
C GLN F 56 51.92 17.73 25.62
N ASN F 57 51.76 17.73 26.93
CA ASN F 57 52.55 16.90 27.80
CA ASN F 57 52.58 16.92 27.78
C ASN F 57 52.19 15.42 27.72
N LEU F 58 51.04 15.06 27.14
CA LEU F 58 50.77 13.68 26.84
C LEU F 58 51.45 13.16 25.57
N ILE F 59 51.94 14.05 24.73
CA ILE F 59 52.51 13.66 23.44
C ILE F 59 53.98 13.28 23.67
N ARG F 60 54.28 12.03 23.35
CA ARG F 60 55.65 11.44 23.55
C ARG F 60 56.53 11.68 22.30
N ASP F 61 55.91 11.61 21.13
CA ASP F 61 56.64 11.89 19.88
C ASP F 61 56.85 13.37 19.69
N LYS F 62 58.11 13.77 19.55
CA LYS F 62 58.52 15.15 19.46
C LYS F 62 58.17 15.85 18.21
N ALA F 63 57.85 15.15 17.14
CA ALA F 63 57.61 15.89 15.89
C ALA F 63 56.26 15.63 15.19
N ILE F 64 55.45 14.71 15.66
CA ILE F 64 54.19 14.47 14.99
C ILE F 64 53.29 15.71 15.19
N LEU F 65 52.44 15.97 14.22
CA LEU F 65 51.44 16.99 14.26
C LEU F 65 50.05 16.33 14.36
N PHE F 66 49.15 16.97 15.08
CA PHE F 66 47.75 16.50 15.28
C PHE F 66 46.83 17.64 14.98
N TRP F 67 45.86 17.44 14.09
CA TRP F 67 44.82 18.40 13.87
C TRP F 67 43.98 18.59 15.12
N ILE F 68 43.54 19.82 15.32
CA ILE F 68 42.58 20.16 16.35
C ILE F 68 41.38 20.87 15.73
N GLY F 69 40.38 21.18 16.53
CA GLY F 69 39.13 21.73 16.01
C GLY F 69 39.06 23.19 15.70
N LEU F 70 39.97 23.64 14.86
CA LEU F 70 40.23 25.08 14.65
C LEU F 70 40.70 25.32 13.24
N ASN F 71 40.03 26.24 12.51
CA ASN F 71 40.42 26.52 11.19
C ASN F 71 40.15 27.95 10.80
N PHE F 72 40.55 28.33 9.58
CA PHE F 72 40.48 29.77 9.27
C PHE F 72 39.14 30.04 8.63
N SER F 73 38.45 31.06 9.08
CA SER F 73 37.18 31.48 8.44
C SER F 73 37.51 32.68 7.56
N LEU F 74 37.37 32.56 6.25
CA LEU F 74 37.77 33.65 5.35
C LEU F 74 36.87 34.90 5.48
N SER F 75 35.57 34.68 5.66
CA SER F 75 34.62 35.78 5.79
C SER F 75 34.99 36.69 6.97
N GLU F 76 35.31 36.08 8.11
CA GLU F 76 35.65 36.85 9.30
C GLU F 76 37.13 37.16 9.42
N LYS F 77 37.93 36.58 8.51
CA LYS F 77 39.39 36.70 8.53
C LYS F 77 39.98 36.37 9.87
N ASN F 78 39.48 35.27 10.48
CA ASN F 78 40.06 34.83 11.75
C ASN F 78 39.86 33.36 11.94
N TRP F 79 40.63 32.81 12.88
CA TRP F 79 40.54 31.44 13.21
C TRP F 79 39.24 31.23 13.98
N LYS F 80 38.55 30.13 13.68
CA LYS F 80 37.26 29.79 14.33
C LYS F 80 37.21 28.35 14.78
N TRP F 81 36.82 28.12 16.04
CA TRP F 81 36.64 26.80 16.56
C TRP F 81 35.43 26.11 15.88
N ILE F 82 35.39 24.76 15.89
CA ILE F 82 34.27 24.03 15.26
C ILE F 82 32.92 24.28 15.99
N ASN F 83 32.96 24.74 17.24
CA ASN F 83 31.74 25.11 17.97
C ASN F 83 31.17 26.49 17.62
N GLY F 84 31.77 27.16 16.63
CA GLY F 84 31.36 28.47 16.16
C GLY F 84 31.95 29.71 16.79
N SER F 85 32.70 29.58 17.89
CA SER F 85 33.41 30.68 18.49
C SER F 85 34.72 31.03 17.82
N PHE F 86 34.97 32.32 17.68
CA PHE F 86 36.24 32.80 17.17
C PHE F 86 37.35 32.74 18.22
N LEU F 87 38.56 32.51 17.75
CA LEU F 87 39.70 32.45 18.62
C LEU F 87 39.87 33.90 19.17
N ASN F 88 39.98 34.05 20.47
CA ASN F 88 40.01 35.40 21.00
C ASN F 88 41.23 35.58 21.88
N SER F 89 42.31 34.88 21.58
CA SER F 89 43.59 34.94 22.33
C SER F 89 44.73 34.63 21.45
N ASN F 90 45.90 35.14 21.85
CA ASN F 90 47.18 34.78 21.23
C ASN F 90 47.86 33.64 21.90
N ASP F 91 47.20 33.03 22.86
CA ASP F 91 47.83 31.95 23.65
C ASP F 91 48.31 30.69 22.92
N LEU F 92 47.78 30.42 21.74
CA LEU F 92 48.30 29.31 20.93
C LEU F 92 49.64 29.63 20.26
N GLU F 93 49.95 30.93 20.07
CA GLU F 93 51.21 31.37 19.41
C GLU F 93 51.35 30.67 18.07
N ILE F 94 50.29 30.77 17.26
CA ILE F 94 50.21 30.00 15.99
C ILE F 94 51.37 30.32 15.05
N ARG F 95 52.07 29.31 14.53
CA ARG F 95 53.13 29.53 13.53
C ARG F 95 52.56 29.32 12.14
N GLY F 96 52.88 30.23 11.20
CA GLY F 96 52.51 30.08 9.80
C GLY F 96 51.35 30.95 9.36
N ASP F 97 50.95 30.81 8.11
CA ASP F 97 49.96 31.67 7.45
C ASP F 97 48.50 31.52 7.86
N ALA F 98 47.83 32.66 8.06
CA ALA F 98 46.41 32.72 8.37
C ALA F 98 45.74 33.04 7.08
N LYS F 99 45.38 32.01 6.33
CA LYS F 99 44.77 32.26 5.06
C LYS F 99 43.79 31.16 4.74
N GLU F 100 43.18 31.33 3.59
CA GLU F 100 42.13 30.47 3.14
C GLU F 100 42.67 29.02 3.11
N ASN F 101 41.82 28.07 3.41
CA ASN F 101 42.17 26.67 3.41
C ASN F 101 43.26 26.28 4.37
N SER F 102 43.48 27.04 5.43
CA SER F 102 44.33 26.63 6.54
C SER F 102 43.56 26.14 7.74
N CYS F 103 44.18 25.19 8.46
CA CYS F 103 43.65 24.54 9.64
C CYS F 103 44.79 24.46 10.66
N ILE F 104 44.49 24.28 11.93
CA ILE F 104 45.50 24.29 13.00
C ILE F 104 45.77 22.92 13.58
N SER F 105 47.06 22.64 13.75
CA SER F 105 47.59 21.42 14.33
C SER F 105 48.54 21.77 15.51
N ILE F 106 48.77 20.78 16.36
CA ILE F 106 49.67 20.92 17.53
C ILE F 106 50.69 19.84 17.50
N SER F 107 51.89 20.19 17.98
CA SER F 107 52.88 19.21 18.32
C SER F 107 53.11 19.20 19.82
N GLN F 108 54.00 18.32 20.30
CA GLN F 108 54.48 18.41 21.69
C GLN F 108 54.90 19.81 22.17
N THR F 109 55.40 20.65 21.28
CA THR F 109 55.92 21.91 21.65
C THR F 109 55.36 23.11 20.97
N SER F 110 54.61 22.98 19.86
CA SER F 110 54.27 24.13 19.02
C SER F 110 52.87 24.01 18.43
N VAL F 111 52.37 25.03 17.80
CA VAL F 111 51.10 25.02 17.16
C VAL F 111 51.34 25.57 15.76
N TYR F 112 50.94 24.80 14.74
CA TYR F 112 51.10 25.19 13.35
C TYR F 112 49.84 25.35 12.54
N SER F 113 49.76 26.42 11.74
CA SER F 113 48.87 26.49 10.59
C SER F 113 49.35 25.56 9.44
N GLU F 114 48.49 24.73 8.87
CA GLU F 114 48.89 23.88 7.72
C GLU F 114 47.69 23.84 6.76
N TYR F 115 47.93 23.66 5.46
CA TYR F 115 46.82 23.46 4.54
C TYR F 115 45.93 22.33 4.97
N CYS F 116 44.60 22.59 4.95
CA CYS F 116 43.63 21.59 5.40
C CYS F 116 43.69 20.25 4.70
N SER F 117 44.16 20.21 3.46
CA SER F 117 44.31 18.95 2.71
C SER F 117 45.50 18.11 3.14
N THR F 118 46.42 18.69 3.94
CA THR F 118 47.57 17.92 4.42
C THR F 118 47.16 16.74 5.25
N GLU F 119 47.86 15.64 5.14
CA GLU F 119 47.54 14.46 5.91
C GLU F 119 48.42 14.28 7.16
N ILE F 120 47.83 14.48 8.34
CA ILE F 120 48.53 14.32 9.63
C ILE F 120 47.60 13.57 10.58
N ARG F 121 48.02 13.40 11.83
CA ARG F 121 47.24 12.73 12.79
C ARG F 121 46.16 13.71 13.34
N TRP F 122 45.28 13.23 14.21
CA TRP F 122 44.25 14.13 14.81
C TRP F 122 43.89 13.67 16.22
N ILE F 123 43.23 14.58 16.96
CA ILE F 123 42.83 14.35 18.32
C ILE F 123 41.31 14.60 18.42
N CYS F 124 40.61 13.57 18.91
CA CYS F 124 39.18 13.65 19.32
C CYS F 124 39.04 13.75 20.86
N GLN F 125 37.94 14.38 21.28
CA GLN F 125 37.60 14.49 22.68
C GLN F 125 36.11 14.16 22.95
N LYS F 126 35.89 13.67 24.15
CA LYS F 126 34.58 13.50 24.78
C LYS F 126 34.66 14.06 26.21
N GLU F 127 33.66 14.84 26.58
CA GLU F 127 33.61 15.52 27.92
C GLU F 127 33.07 14.60 28.98
N LEU F 128 33.71 14.55 30.16
CA LEU F 128 33.17 13.72 31.27
C LEU F 128 32.24 14.64 32.08
N THR F 129 31.24 14.09 32.74
CA THR F 129 30.29 14.92 33.55
C THR F 129 30.86 15.54 34.86
#